data_6IQR
#
_entry.id   6IQR
#
_cell.length_a   129.277
_cell.length_b   129.277
_cell.length_c   236.566
_cell.angle_alpha   90.00
_cell.angle_beta   90.00
_cell.angle_gamma   120.00
#
_symmetry.space_group_name_H-M   'P 32 2 1'
#
loop_
_entity.id
_entity.type
_entity.pdbx_description
1 polymer 'Tail-specific protease'
2 water water
#
_entity_poly.entity_id   1
_entity_poly.type   'polypeptide(L)'
_entity_poly.pdbx_seq_one_letter_code
;MNMFFRLTALAGLLAIAGQTFAVEDITRADQIPVLKEETQHATVSERVTSRFTRSHYRQFDLDQAFSAKIFDRYLNLLDY
SHNVLLASDVEQFAKKKTELGDELRSGKLDVFYDLYNLAQKRRFERYQYALSVLEKPMDFTGNDTYNLDRSKAPWPKNEA
ELNALWDSKVKFDELSLKLTGKTDKEIRETLTRRYKFAIRRLAQTNSEDVFSLAMTAFAREIDPHTNYLSPRNTEQFNTE
MSLSLEGIGAVYQMDDDYTVINSMVAGGPAAKSKAISVGDKIVGVGQTGKPMVDVIGWRLDDVVALIKGPKGSKVRLEIL
PAGKGTKTRTVTLTRERIRLEDRAVKMSVKTVGKEKVGVLDIPGFYVGLTDDVKVQLQKLEKQNVSSVIIDLRSNGGGAL
TEAVSLSGLFIPAGPIVQVRDNNGKVREDSDTDGQVFYKGPLVVLVDRFSAIASEIFAAAMQDYGRALVVGEPTFGKGTV
QQYRSLNRIYDQMLRPEWPALGSVQYTIQKFYRVNGGSTQRKGVTPDIIMPTGNEETETGEKFEDNALPWDSIDAATYVK
SGDLTAFEPELLKEHNARIAKDPEFQNIMKDIARFNAMKDKRNIVSLNYAVREKENNEDDATRLARLNERFKREGKPELK
KLDDLPKDYQEPDPYLDETVNIALDLAKLEKARPAEQPAPVKHHHHHH
;
_entity_poly.pdbx_strand_id   A,B
#
# COMPACT_ATOMS: atom_id res chain seq x y z
N ILE A 32 -36.21 3.80 28.26
CA ILE A 32 -35.68 4.89 27.38
C ILE A 32 -36.71 5.15 26.28
N PRO A 33 -37.22 6.40 26.14
CA PRO A 33 -38.09 6.74 25.00
C PRO A 33 -37.46 6.24 23.69
N VAL A 34 -38.26 5.50 22.88
CA VAL A 34 -37.76 4.85 21.67
C VAL A 34 -37.67 5.88 20.54
N LEU A 35 -36.57 5.87 19.80
CA LEU A 35 -36.30 6.97 18.92
C LEU A 35 -37.12 6.74 17.65
N LYS A 36 -37.65 7.82 17.08
CA LYS A 36 -38.58 7.78 15.97
C LYS A 36 -38.19 8.88 14.98
N GLU A 37 -38.16 8.57 13.69
CA GLU A 37 -38.00 9.61 12.67
C GLU A 37 -39.10 10.68 12.86
N GLU A 38 -38.71 11.95 12.79
CA GLU A 38 -39.60 13.12 12.88
C GLU A 38 -40.26 13.36 11.51
N THR A 39 -41.26 14.24 11.45
CA THR A 39 -42.04 14.37 10.21
C THR A 39 -41.18 14.95 9.08
N GLN A 40 -40.26 15.90 9.38
CA GLN A 40 -39.56 16.67 8.33
C GLN A 40 -38.46 15.78 7.74
N HIS A 41 -37.98 14.84 8.54
CA HIS A 41 -36.95 13.92 8.10
C HIS A 41 -37.33 13.33 6.73
N ALA A 42 -38.58 12.91 6.54
CA ALA A 42 -38.97 12.30 5.27
C ALA A 42 -38.48 13.16 4.12
N THR A 43 -38.78 14.46 4.16
CA THR A 43 -38.51 15.29 2.98
C THR A 43 -37.01 15.53 2.88
N VAL A 44 -36.34 15.72 4.02
CA VAL A 44 -34.93 15.99 4.00
C VAL A 44 -34.25 14.87 3.20
N SER A 45 -34.50 13.62 3.61
CA SER A 45 -34.01 12.43 2.94
C SER A 45 -34.24 12.52 1.43
N GLU A 46 -35.44 12.92 1.05
CA GLU A 46 -35.74 12.96 -0.35
C GLU A 46 -34.81 13.97 -1.02
N ARG A 47 -34.62 15.10 -0.34
CA ARG A 47 -33.98 16.30 -0.88
C ARG A 47 -32.47 16.04 -0.97
N VAL A 48 -31.95 15.46 0.12
CA VAL A 48 -30.57 14.97 0.27
C VAL A 48 -30.21 14.02 -0.88
N THR A 49 -31.04 12.98 -1.03
CA THR A 49 -30.86 11.92 -2.04
C THR A 49 -30.90 12.55 -3.44
N SER A 50 -31.81 13.50 -3.65
CA SER A 50 -31.86 14.19 -4.93
C SER A 50 -30.48 14.74 -5.29
N ARG A 51 -29.89 15.51 -4.35
CA ARG A 51 -28.73 16.33 -4.69
C ARG A 51 -27.52 15.43 -4.93
N PHE A 52 -27.32 14.47 -4.02
CA PHE A 52 -26.21 13.56 -4.18
C PHE A 52 -26.30 12.78 -5.51
N THR A 53 -27.47 12.19 -5.74
CA THR A 53 -27.71 11.31 -6.87
C THR A 53 -27.42 12.04 -8.16
N ARG A 54 -27.93 13.27 -8.27
CA ARG A 54 -27.92 13.97 -9.55
C ARG A 54 -26.65 14.83 -9.70
N SER A 55 -26.25 15.53 -8.62
CA SER A 55 -25.40 16.77 -8.75
C SER A 55 -24.02 16.61 -8.14
N HIS A 56 -23.75 15.52 -7.42
CA HIS A 56 -22.40 15.13 -6.95
C HIS A 56 -21.45 15.02 -8.13
N TYR A 57 -20.20 15.43 -7.95
CA TYR A 57 -19.20 15.37 -9.06
C TYR A 57 -19.18 13.95 -9.62
N ARG A 58 -19.12 12.96 -8.71
CA ARG A 58 -19.11 11.54 -9.02
C ARG A 58 -20.49 11.09 -9.55
N GLN A 59 -20.51 10.71 -10.84
CA GLN A 59 -21.62 10.06 -11.53
C GLN A 59 -21.73 8.61 -10.99
N PHE A 60 -22.70 8.39 -10.08
CA PHE A 60 -22.93 7.08 -9.43
C PHE A 60 -24.40 6.58 -9.54
N ASP A 61 -24.53 5.24 -9.50
CA ASP A 61 -25.74 4.46 -9.48
C ASP A 61 -26.07 4.12 -8.04
N LEU A 62 -27.20 4.68 -7.55
CA LEU A 62 -27.82 4.32 -6.24
C LEU A 62 -28.68 3.08 -6.46
N ASP A 63 -27.99 1.97 -6.71
CA ASP A 63 -28.61 0.70 -7.02
C ASP A 63 -28.49 -0.18 -5.77
N GLN A 64 -28.78 -1.47 -5.96
CA GLN A 64 -28.79 -2.40 -4.89
C GLN A 64 -27.38 -2.52 -4.32
N ALA A 65 -26.38 -2.68 -5.19
CA ALA A 65 -24.97 -2.88 -4.82
C ALA A 65 -24.51 -1.72 -3.94
N PHE A 66 -24.79 -0.50 -4.42
CA PHE A 66 -24.48 0.73 -3.70
C PHE A 66 -25.10 0.65 -2.30
N SER A 67 -26.37 0.28 -2.28
CA SER A 67 -27.16 0.16 -1.07
C SER A 67 -26.47 -0.79 -0.07
N ALA A 68 -25.94 -1.89 -0.61
CA ALA A 68 -25.33 -2.94 0.19
C ALA A 68 -24.14 -2.37 0.96
N LYS A 69 -23.28 -1.62 0.24
CA LYS A 69 -22.08 -1.03 0.81
C LYS A 69 -22.45 -0.02 1.92
N ILE A 70 -23.46 0.82 1.63
CA ILE A 70 -24.00 1.77 2.62
C ILE A 70 -24.31 0.95 3.88
N PHE A 71 -25.11 -0.09 3.70
CA PHE A 71 -25.62 -0.88 4.82
C PHE A 71 -24.43 -1.22 5.74
N ASP A 72 -23.38 -1.77 5.14
CA ASP A 72 -22.19 -2.24 5.86
C ASP A 72 -21.55 -1.05 6.59
N ARG A 73 -21.39 0.08 5.86
CA ARG A 73 -20.84 1.34 6.39
C ARG A 73 -21.66 1.80 7.61
N TYR A 74 -22.98 1.70 7.52
CA TYR A 74 -23.85 2.09 8.64
C TYR A 74 -23.59 1.17 9.84
N LEU A 75 -23.55 -0.15 9.60
CA LEU A 75 -23.29 -1.15 10.63
C LEU A 75 -22.05 -0.74 11.42
N ASN A 76 -20.99 -0.44 10.69
CA ASN A 76 -19.68 -0.10 11.25
C ASN A 76 -19.77 1.20 12.04
N LEU A 77 -20.71 2.11 11.72
CA LEU A 77 -20.95 3.30 12.53
C LEU A 77 -21.58 2.90 13.87
N LEU A 78 -22.59 2.01 13.80
CA LEU A 78 -23.35 1.55 14.98
C LEU A 78 -22.37 0.91 15.98
N ASP A 79 -21.43 0.13 15.43
CA ASP A 79 -20.53 -0.73 16.17
C ASP A 79 -19.20 -0.83 15.43
N TYR A 80 -18.41 0.25 15.53
CA TYR A 80 -17.07 0.38 14.97
C TYR A 80 -16.22 -0.84 15.33
N SER A 81 -16.33 -1.26 16.59
CA SER A 81 -15.48 -2.27 17.22
C SER A 81 -16.05 -3.70 17.08
N HIS A 82 -17.21 -3.85 16.44
CA HIS A 82 -17.88 -5.15 16.30
C HIS A 82 -17.83 -5.92 17.62
N ASN A 83 -18.15 -5.26 18.74
CA ASN A 83 -18.19 -5.93 20.07
C ASN A 83 -19.46 -5.57 20.83
N VAL A 84 -20.54 -5.19 20.12
CA VAL A 84 -21.87 -4.80 20.73
C VAL A 84 -22.96 -5.72 20.16
N LEU A 85 -23.18 -5.63 18.84
CA LEU A 85 -24.23 -6.35 18.11
C LEU A 85 -24.02 -7.86 18.23
N LEU A 86 -25.11 -8.61 18.43
CA LEU A 86 -25.07 -10.09 18.44
C LEU A 86 -25.35 -10.58 17.02
N ALA A 87 -24.62 -11.63 16.59
CA ALA A 87 -24.62 -12.03 15.17
C ALA A 87 -26.04 -12.42 14.72
N SER A 88 -26.83 -12.94 15.68
CA SER A 88 -28.28 -13.18 15.55
C SER A 88 -28.99 -11.98 14.94
N ASP A 89 -28.77 -10.82 15.58
CA ASP A 89 -29.39 -9.54 15.28
C ASP A 89 -29.03 -9.10 13.85
N VAL A 90 -27.73 -9.26 13.51
CA VAL A 90 -27.12 -8.69 12.30
C VAL A 90 -27.89 -9.16 11.05
N GLU A 91 -28.15 -10.47 10.98
CA GLU A 91 -28.72 -11.04 9.76
C GLU A 91 -30.18 -10.62 9.63
N GLN A 92 -30.89 -10.37 10.75
CA GLN A 92 -32.31 -9.98 10.69
C GLN A 92 -32.48 -8.82 9.71
N PHE A 93 -31.57 -7.83 9.76
CA PHE A 93 -31.66 -6.62 8.92
C PHE A 93 -30.90 -6.84 7.60
N ALA A 94 -29.81 -7.62 7.67
CA ALA A 94 -28.87 -7.78 6.56
C ALA A 94 -29.53 -8.43 5.35
N LYS A 95 -30.58 -9.24 5.55
CA LYS A 95 -31.18 -10.05 4.49
C LYS A 95 -31.87 -9.15 3.44
N LYS A 96 -32.16 -7.89 3.80
CA LYS A 96 -32.76 -6.91 2.88
C LYS A 96 -31.86 -5.68 2.66
N LYS A 97 -30.54 -5.82 2.54
CA LYS A 97 -29.66 -4.64 2.45
C LYS A 97 -29.84 -3.91 1.09
N THR A 98 -30.39 -4.59 0.09
CA THR A 98 -30.57 -3.97 -1.23
C THR A 98 -31.78 -3.01 -1.28
N GLU A 99 -32.63 -2.94 -0.25
CA GLU A 99 -33.84 -2.03 -0.21
C GLU A 99 -33.43 -0.55 -0.07
N LEU A 100 -32.27 -0.24 0.54
CA LEU A 100 -31.99 1.10 1.13
C LEU A 100 -31.99 2.21 0.08
N GLY A 101 -31.61 1.92 -1.17
CA GLY A 101 -31.74 2.88 -2.29
C GLY A 101 -33.13 3.49 -2.36
N ASP A 102 -34.17 2.66 -2.54
CA ASP A 102 -35.55 3.12 -2.65
C ASP A 102 -35.98 3.77 -1.33
N GLU A 103 -35.50 3.22 -0.21
CA GLU A 103 -35.90 3.68 1.12
C GLU A 103 -35.49 5.17 1.28
N LEU A 104 -34.25 5.50 0.93
CA LEU A 104 -33.76 6.88 1.08
C LEU A 104 -34.57 7.80 0.14
N ARG A 105 -34.89 7.31 -1.06
CA ARG A 105 -35.63 8.07 -2.08
C ARG A 105 -37.05 8.41 -1.60
N SER A 106 -37.75 7.43 -1.03
CA SER A 106 -39.14 7.58 -0.60
C SER A 106 -39.21 8.08 0.85
N GLY A 107 -38.05 8.30 1.47
CA GLY A 107 -37.94 9.00 2.75
C GLY A 107 -38.39 8.13 3.91
N LYS A 108 -38.31 6.82 3.70
CA LYS A 108 -38.88 5.77 4.57
C LYS A 108 -37.70 5.07 5.28
N LEU A 109 -37.40 5.49 6.52
CA LEU A 109 -36.06 5.33 7.09
C LEU A 109 -36.08 4.50 8.38
N ASP A 110 -37.19 3.81 8.65
CA ASP A 110 -37.33 3.16 9.94
C ASP A 110 -36.31 2.02 10.08
N VAL A 111 -35.79 1.49 8.95
CA VAL A 111 -34.85 0.36 9.00
C VAL A 111 -33.61 0.76 9.82
N PHE A 112 -33.08 1.96 9.51
CA PHE A 112 -31.96 2.60 10.21
C PHE A 112 -32.30 2.77 11.70
N TYR A 113 -33.51 3.26 11.97
CA TYR A 113 -33.96 3.60 13.33
C TYR A 113 -34.14 2.35 14.19
N ASP A 114 -34.73 1.29 13.61
CA ASP A 114 -34.99 0.03 14.30
C ASP A 114 -33.63 -0.62 14.65
N LEU A 115 -32.70 -0.62 13.68
CA LEU A 115 -31.36 -1.14 13.88
C LEU A 115 -30.55 -0.26 14.84
N TYR A 116 -30.76 1.06 14.84
CA TYR A 116 -30.08 1.99 15.81
C TYR A 116 -30.65 1.73 17.22
N ASN A 117 -31.96 1.47 17.32
CA ASN A 117 -32.62 1.25 18.61
C ASN A 117 -32.13 -0.09 19.18
N LEU A 118 -32.03 -1.09 18.31
CA LEU A 118 -31.18 -2.27 18.53
C LEU A 118 -29.74 -1.77 18.53
N ALA A 119 -28.81 -2.51 19.12
CA ALA A 119 -27.44 -1.97 19.15
C ALA A 119 -27.33 -0.73 20.04
N GLN A 120 -28.45 -0.25 20.58
CA GLN A 120 -28.44 0.79 21.59
C GLN A 120 -28.81 0.02 22.85
N LYS A 121 -29.79 -0.86 22.67
CA LYS A 121 -30.20 -1.90 23.60
C LYS A 121 -29.01 -2.77 24.01
N ARG A 122 -28.33 -3.30 22.99
CA ARG A 122 -27.16 -4.14 23.16
C ARG A 122 -25.98 -3.34 23.76
N ARG A 123 -25.82 -2.07 23.38
CA ARG A 123 -24.76 -1.24 23.96
C ARG A 123 -24.98 -1.19 25.48
N PHE A 124 -26.26 -1.11 25.88
CA PHE A 124 -26.61 -1.06 27.30
C PHE A 124 -26.22 -2.39 27.98
N GLU A 125 -26.48 -3.52 27.32
CA GLU A 125 -26.10 -4.86 27.85
C GLU A 125 -24.60 -4.83 28.21
N ARG A 126 -23.80 -4.25 27.31
CA ARG A 126 -22.36 -4.18 27.50
C ARG A 126 -22.03 -3.45 28.82
N TYR A 127 -22.66 -2.28 29.04
CA TYR A 127 -22.30 -1.43 30.18
C TYR A 127 -22.74 -2.09 31.47
N GLN A 128 -23.88 -2.80 31.45
CA GLN A 128 -24.32 -3.63 32.58
C GLN A 128 -23.17 -4.55 33.00
N TYR A 129 -22.69 -5.32 32.02
CA TYR A 129 -21.65 -6.30 32.23
C TYR A 129 -20.37 -5.61 32.74
N ALA A 130 -19.99 -4.51 32.07
CA ALA A 130 -18.71 -3.84 32.27
C ALA A 130 -18.59 -3.28 33.71
N LEU A 131 -19.69 -2.73 34.24
CA LEU A 131 -19.72 -2.18 35.62
C LEU A 131 -19.39 -3.30 36.62
N SER A 132 -20.04 -4.45 36.40
CA SER A 132 -19.86 -5.67 37.17
C SER A 132 -18.37 -6.03 37.23
N VAL A 133 -17.74 -6.11 36.05
CA VAL A 133 -16.40 -6.58 35.94
C VAL A 133 -15.44 -5.64 36.69
N LEU A 134 -15.78 -4.35 36.77
CA LEU A 134 -14.95 -3.36 37.55
C LEU A 134 -14.78 -3.85 38.99
N GLU A 135 -15.86 -4.37 39.55
CA GLU A 135 -15.88 -4.87 40.94
C GLU A 135 -14.85 -5.98 41.13
N LYS A 136 -14.76 -6.86 40.12
CA LYS A 136 -13.96 -8.10 40.17
C LYS A 136 -12.48 -7.72 40.32
N PRO A 137 -11.69 -8.45 41.14
CA PRO A 137 -10.28 -8.11 41.37
C PRO A 137 -9.47 -8.41 40.11
N MET A 138 -8.46 -7.58 39.83
CA MET A 138 -7.73 -7.65 38.57
C MET A 138 -6.22 -7.58 38.83
N ASP A 139 -5.47 -8.36 38.04
CA ASP A 139 -3.99 -8.56 38.15
C ASP A 139 -3.43 -8.41 36.73
N PHE A 140 -2.32 -7.66 36.55
CA PHE A 140 -1.69 -7.42 35.23
C PHE A 140 -0.35 -8.16 35.12
N THR A 141 -0.30 -9.31 35.79
CA THR A 141 0.87 -10.18 35.95
C THR A 141 0.97 -11.15 34.77
N GLY A 142 -0.20 -11.57 34.28
CA GLY A 142 -0.32 -12.41 33.10
C GLY A 142 0.10 -11.76 31.78
N ASN A 143 0.64 -12.62 30.92
CA ASN A 143 1.08 -12.30 29.55
C ASN A 143 -0.08 -12.33 28.54
N ASP A 144 -1.07 -11.43 28.70
CA ASP A 144 -2.21 -11.29 27.79
C ASP A 144 -2.04 -10.03 26.95
N THR A 145 -2.82 -9.95 25.87
CA THR A 145 -2.66 -8.89 24.87
C THR A 145 -4.02 -8.30 24.50
N TYR A 146 -3.97 -7.14 23.84
CA TYR A 146 -5.14 -6.41 23.41
C TYR A 146 -4.94 -5.88 21.97
N ASN A 147 -5.88 -6.22 21.10
CA ASN A 147 -5.95 -5.78 19.71
C ASN A 147 -6.86 -4.55 19.67
N LEU A 148 -6.37 -3.48 19.07
CA LEU A 148 -7.08 -2.20 19.07
C LEU A 148 -7.97 -2.04 17.82
N ASP A 149 -7.84 -2.95 16.84
CA ASP A 149 -8.62 -2.88 15.59
C ASP A 149 -9.41 -4.19 15.40
N ARG A 150 -10.69 -4.12 15.76
CA ARG A 150 -11.67 -5.15 15.48
C ARG A 150 -12.53 -4.74 14.27
N SER A 151 -12.06 -3.88 13.36
CA SER A 151 -12.91 -3.44 12.25
C SER A 151 -13.06 -4.58 11.23
N LYS A 152 -12.08 -5.50 11.18
CA LYS A 152 -12.16 -6.67 10.27
C LYS A 152 -12.67 -7.93 10.99
N ALA A 153 -13.06 -7.81 12.25
CA ALA A 153 -13.22 -8.95 13.15
C ALA A 153 -14.53 -9.66 12.88
N PRO A 154 -14.76 -10.85 13.47
CA PRO A 154 -16.05 -11.52 13.34
C PRO A 154 -17.09 -10.84 14.23
N TRP A 155 -18.34 -10.77 13.75
CA TRP A 155 -19.49 -10.43 14.61
C TRP A 155 -19.62 -11.50 15.69
N PRO A 156 -19.66 -11.13 17.00
CA PRO A 156 -19.70 -12.12 18.07
C PRO A 156 -20.88 -13.07 17.86
N LYS A 157 -20.66 -14.34 18.20
CA LYS A 157 -21.60 -15.37 17.86
C LYS A 157 -22.55 -15.63 19.04
N ASN A 158 -22.10 -15.32 20.27
CA ASN A 158 -22.78 -15.75 21.47
C ASN A 158 -22.41 -14.88 22.69
N GLU A 159 -23.14 -15.09 23.79
CA GLU A 159 -23.04 -14.34 25.04
C GLU A 159 -21.61 -14.39 25.61
N ALA A 160 -21.01 -15.58 25.55
CA ALA A 160 -19.70 -15.84 26.15
C ALA A 160 -18.65 -14.93 25.52
N GLU A 161 -18.67 -14.90 24.18
CA GLU A 161 -17.70 -14.19 23.37
C GLU A 161 -17.79 -12.70 23.68
N LEU A 162 -19.02 -12.18 23.79
CA LEU A 162 -19.27 -10.76 24.17
C LEU A 162 -18.58 -10.50 25.50
N ASN A 163 -18.81 -11.38 26.47
CA ASN A 163 -18.33 -11.21 27.81
C ASN A 163 -16.81 -11.29 27.82
N ALA A 164 -16.21 -12.14 26.99
CA ALA A 164 -14.73 -12.23 26.86
C ALA A 164 -14.14 -10.91 26.32
N LEU A 165 -14.72 -10.42 25.22
CA LEU A 165 -14.30 -9.18 24.57
C LEU A 165 -14.44 -7.98 25.52
N TRP A 166 -15.56 -7.92 26.25
CA TRP A 166 -15.87 -6.81 27.16
C TRP A 166 -14.99 -6.90 28.41
N ASP A 167 -14.72 -8.13 28.89
CA ASP A 167 -13.76 -8.36 29.99
C ASP A 167 -12.43 -7.68 29.58
N SER A 168 -11.98 -7.92 28.35
CA SER A 168 -10.70 -7.40 27.82
C SER A 168 -10.72 -5.86 27.76
N LYS A 169 -11.84 -5.26 27.32
CA LYS A 169 -11.98 -3.79 27.26
C LYS A 169 -11.79 -3.21 28.66
N VAL A 170 -12.48 -3.79 29.64
CA VAL A 170 -12.40 -3.28 30.99
C VAL A 170 -10.94 -3.41 31.46
N LYS A 171 -10.31 -4.55 31.21
CA LYS A 171 -8.96 -4.76 31.70
C LYS A 171 -8.04 -3.69 31.09
N PHE A 172 -8.26 -3.39 29.80
CA PHE A 172 -7.41 -2.42 29.09
C PHE A 172 -7.54 -1.05 29.75
N ASP A 173 -8.80 -0.64 30.01
CA ASP A 173 -9.08 0.66 30.63
C ASP A 173 -8.39 0.74 32.01
N GLU A 174 -8.52 -0.31 32.87
CA GLU A 174 -7.94 -0.30 34.26
C GLU A 174 -6.43 -0.05 34.17
N LEU A 175 -5.76 -0.74 33.24
CA LEU A 175 -4.29 -0.68 33.05
C LEU A 175 -3.82 0.70 32.58
N SER A 176 -4.53 1.28 31.61
CA SER A 176 -4.23 2.60 31.06
C SER A 176 -4.12 3.63 32.19
N LEU A 177 -5.01 3.51 33.18
CA LEU A 177 -5.06 4.43 34.29
C LEU A 177 -3.97 4.06 35.30
N LYS A 178 -3.67 2.76 35.50
CA LYS A 178 -2.55 2.34 36.39
C LYS A 178 -1.24 2.97 35.89
N LEU A 179 -1.03 2.93 34.57
CA LEU A 179 0.14 3.54 33.89
C LEU A 179 0.05 5.07 33.92
N THR A 180 -1.18 5.60 33.90
CA THR A 180 -1.41 7.03 34.10
C THR A 180 -0.81 7.42 35.46
N GLY A 181 -1.10 6.58 36.45
CA GLY A 181 -0.61 6.76 37.83
C GLY A 181 -1.75 6.90 38.83
N LYS A 182 -2.90 6.32 38.52
CA LYS A 182 -4.10 6.37 39.38
C LYS A 182 -4.05 5.14 40.30
N THR A 183 -4.65 5.25 41.49
CA THR A 183 -4.73 4.16 42.47
C THR A 183 -5.87 3.19 42.12
N ASP A 184 -5.80 1.99 42.68
CA ASP A 184 -6.77 0.93 42.33
C ASP A 184 -8.18 1.46 42.59
N LYS A 185 -8.37 2.17 43.71
CA LYS A 185 -9.71 2.64 44.13
C LYS A 185 -10.24 3.62 43.08
N GLU A 186 -9.47 4.68 42.82
CA GLU A 186 -9.92 5.76 41.98
C GLU A 186 -10.02 5.28 40.53
N ILE A 187 -9.33 4.18 40.19
CA ILE A 187 -9.46 3.59 38.86
C ILE A 187 -10.85 2.97 38.72
N ARG A 188 -11.29 2.24 39.76
CA ARG A 188 -12.61 1.62 39.75
C ARG A 188 -13.69 2.72 39.79
N GLU A 189 -13.40 3.82 40.48
CA GLU A 189 -14.36 4.94 40.55
C GLU A 189 -14.45 5.65 39.20
N THR A 190 -13.31 6.00 38.59
CA THR A 190 -13.30 6.80 37.36
C THR A 190 -13.86 6.01 36.17
N LEU A 191 -13.50 4.73 36.03
CA LEU A 191 -14.07 3.90 34.97
C LEU A 191 -15.59 3.80 35.11
N THR A 192 -16.04 3.63 36.36
CA THR A 192 -17.47 3.49 36.70
C THR A 192 -18.24 4.75 36.20
N ARG A 193 -17.69 5.94 36.53
CA ARG A 193 -18.21 7.26 36.11
C ARG A 193 -18.40 7.25 34.59
N ARG A 194 -17.34 6.86 33.85
CA ARG A 194 -17.36 6.90 32.40
C ARG A 194 -18.51 6.01 31.90
N TYR A 195 -18.64 4.82 32.49
CA TYR A 195 -19.60 3.88 31.99
C TYR A 195 -21.03 4.39 32.26
N LYS A 196 -21.27 4.95 33.46
CA LYS A 196 -22.58 5.61 33.79
C LYS A 196 -22.92 6.70 32.77
N PHE A 197 -21.96 7.57 32.46
CA PHE A 197 -22.18 8.64 31.46
C PHE A 197 -22.54 8.00 30.12
N ALA A 198 -21.92 6.89 29.76
CA ALA A 198 -22.24 6.16 28.53
C ALA A 198 -23.71 5.72 28.53
N ILE A 199 -24.17 5.21 29.68
CA ILE A 199 -25.59 4.83 29.87
C ILE A 199 -26.47 6.08 29.79
N ARG A 200 -26.10 7.13 30.54
CA ARG A 200 -26.85 8.41 30.54
C ARG A 200 -27.00 8.88 29.09
N ARG A 201 -25.84 8.98 28.41
CA ARG A 201 -25.75 9.44 27.06
C ARG A 201 -26.71 8.62 26.21
N LEU A 202 -26.69 7.30 26.37
CA LEU A 202 -27.52 6.41 25.56
C LEU A 202 -28.95 6.97 25.49
N ALA A 203 -29.48 7.42 26.64
CA ALA A 203 -30.83 8.06 26.73
C ALA A 203 -30.81 9.52 26.27
N GLN A 204 -29.67 10.24 26.45
CA GLN A 204 -29.50 11.67 26.00
C GLN A 204 -29.69 11.81 24.48
N THR A 205 -29.47 10.74 23.69
CA THR A 205 -29.46 10.91 22.21
C THR A 205 -30.92 10.99 21.71
N ASN A 206 -31.10 11.36 20.43
CA ASN A 206 -32.44 11.74 19.91
C ASN A 206 -32.52 11.46 18.40
N SER A 207 -33.64 11.86 17.79
CA SER A 207 -34.05 11.52 16.42
C SER A 207 -33.06 12.08 15.38
N GLU A 208 -32.63 13.33 15.60
CA GLU A 208 -31.75 14.03 14.70
C GLU A 208 -30.42 13.26 14.69
N ASP A 209 -29.98 12.80 15.88
CA ASP A 209 -28.73 12.06 16.08
C ASP A 209 -28.75 10.80 15.20
N VAL A 210 -29.87 10.08 15.20
CA VAL A 210 -30.05 8.88 14.37
C VAL A 210 -29.95 9.25 12.89
N PHE A 211 -30.78 10.23 12.51
CA PHE A 211 -30.98 10.64 11.13
C PHE A 211 -29.63 11.08 10.53
N SER A 212 -28.91 11.92 11.30
CA SER A 212 -27.57 12.35 10.93
C SER A 212 -26.78 11.15 10.47
N LEU A 213 -26.80 10.14 11.34
CA LEU A 213 -25.96 8.98 11.19
C LEU A 213 -26.35 8.22 9.92
N ALA A 214 -27.66 8.19 9.61
CA ALA A 214 -28.14 7.57 8.38
C ALA A 214 -27.53 8.33 7.20
N MET A 215 -27.59 9.65 7.30
CA MET A 215 -27.10 10.43 6.20
C MET A 215 -25.59 10.19 6.05
N THR A 216 -24.90 10.18 7.20
CA THR A 216 -23.48 9.97 7.33
C THR A 216 -23.05 8.73 6.54
N ALA A 217 -23.79 7.61 6.72
CA ALA A 217 -23.64 6.34 5.96
C ALA A 217 -23.80 6.58 4.44
N PHE A 218 -24.76 7.42 4.06
CA PHE A 218 -24.96 7.65 2.65
C PHE A 218 -23.83 8.53 2.09
N ALA A 219 -23.53 9.60 2.84
CA ALA A 219 -22.65 10.66 2.37
C ALA A 219 -21.25 10.09 2.14
N ARG A 220 -20.75 9.38 3.15
CA ARG A 220 -19.37 8.97 3.21
C ARG A 220 -19.10 7.74 2.32
N GLU A 221 -20.15 7.13 1.76
CA GLU A 221 -20.02 6.05 0.72
C GLU A 221 -19.87 6.63 -0.70
N ILE A 222 -20.18 7.92 -0.91
CA ILE A 222 -19.89 8.52 -2.22
C ILE A 222 -18.41 8.92 -2.22
N ASP A 223 -18.02 9.64 -1.14
CA ASP A 223 -16.62 10.01 -0.89
C ASP A 223 -16.49 10.58 0.52
N PRO A 224 -15.25 10.70 1.06
CA PRO A 224 -15.06 11.05 2.47
C PRO A 224 -15.12 12.54 2.79
N HIS A 225 -15.42 13.38 1.78
CA HIS A 225 -15.59 14.85 2.01
C HIS A 225 -17.02 15.34 1.70
N THR A 226 -17.92 14.39 1.44
CA THR A 226 -19.38 14.61 1.36
C THR A 226 -20.02 14.39 2.73
N ASN A 227 -20.99 15.22 3.10
CA ASN A 227 -21.40 15.36 4.48
C ASN A 227 -22.85 15.88 4.60
N TYR A 228 -23.48 15.49 5.72
CA TYR A 228 -24.77 16.04 6.15
C TYR A 228 -24.52 16.83 7.43
N LEU A 229 -24.94 18.09 7.40
CA LEU A 229 -24.71 19.00 8.50
C LEU A 229 -26.06 19.38 9.10
N SER A 230 -26.34 18.76 10.26
CA SER A 230 -27.56 18.89 11.00
C SER A 230 -27.80 20.37 11.36
N PRO A 231 -29.08 20.79 11.42
CA PRO A 231 -29.45 22.14 11.83
C PRO A 231 -29.11 22.46 13.29
N ARG A 232 -29.37 23.71 13.68
CA ARG A 232 -28.53 24.44 14.66
C ARG A 232 -29.03 24.33 16.12
N ASN A 233 -30.34 24.09 16.35
CA ASN A 233 -30.96 23.87 17.72
C ASN A 233 -31.01 25.17 18.56
N THR A 234 -31.54 25.08 19.79
CA THR A 234 -31.46 26.15 20.81
C THR A 234 -30.04 26.59 21.06
N GLU A 235 -29.16 25.60 21.16
CA GLU A 235 -27.83 25.84 21.58
C GLU A 235 -27.24 26.89 20.61
N GLN A 236 -27.52 26.81 19.30
CA GLN A 236 -26.96 27.83 18.42
C GLN A 236 -27.56 29.19 18.79
N PHE A 237 -28.88 29.24 19.02
CA PHE A 237 -29.43 30.54 19.33
C PHE A 237 -28.60 31.27 20.40
N ASN A 238 -28.22 30.59 21.49
CA ASN A 238 -27.42 31.17 22.60
C ASN A 238 -25.99 31.51 22.13
N THR A 239 -25.52 30.82 21.09
CA THR A 239 -24.29 31.23 20.50
C THR A 239 -24.49 32.65 19.96
N GLU A 240 -25.64 32.87 19.27
CA GLU A 240 -25.97 34.17 18.68
C GLU A 240 -26.15 35.24 19.78
N MET A 241 -26.83 34.94 20.88
CA MET A 241 -26.88 35.90 21.99
C MET A 241 -25.49 36.00 22.61
N SER A 242 -24.69 34.95 22.42
CA SER A 242 -23.26 34.99 22.73
C SER A 242 -22.53 35.72 21.57
N LEU A 243 -21.18 35.72 21.56
CA LEU A 243 -20.37 36.75 20.86
C LEU A 243 -19.95 36.22 19.47
N SER A 244 -19.51 37.12 18.59
CA SER A 244 -18.80 36.81 17.32
C SER A 244 -17.28 36.91 17.54
N LEU A 245 -16.59 35.75 17.62
CA LEU A 245 -17.15 34.41 17.56
C LEU A 245 -16.10 33.43 18.14
N GLU A 246 -16.73 32.47 18.87
CA GLU A 246 -16.25 31.59 20.02
C GLU A 246 -15.90 30.13 19.65
N GLY A 247 -14.59 29.81 19.58
CA GLY A 247 -14.00 28.48 19.22
C GLY A 247 -12.48 28.48 19.42
N ILE A 248 -11.78 27.42 18.96
CA ILE A 248 -10.26 27.35 18.96
C ILE A 248 -9.66 27.05 17.56
N GLY A 249 -10.51 27.07 16.52
CA GLY A 249 -10.11 26.92 15.16
C GLY A 249 -9.54 25.54 14.88
N ALA A 250 -10.12 24.51 15.51
CA ALA A 250 -9.83 23.15 15.08
C ALA A 250 -11.13 22.45 14.70
N VAL A 251 -11.02 21.65 13.66
CA VAL A 251 -12.10 21.00 13.07
C VAL A 251 -11.97 19.55 13.51
N TYR A 252 -13.04 19.10 14.17
CA TYR A 252 -13.03 17.87 14.92
C TYR A 252 -13.95 16.98 14.10
N GLN A 253 -13.70 15.66 14.11
CA GLN A 253 -14.75 14.63 13.84
C GLN A 253 -14.49 13.46 14.80
N MET A 254 -15.15 12.33 14.56
CA MET A 254 -15.08 11.16 15.42
C MET A 254 -14.95 9.88 14.56
N ASP A 255 -14.03 8.97 14.93
CA ASP A 255 -14.00 7.56 14.42
C ASP A 255 -14.95 6.65 15.24
N ASP A 256 -14.83 6.72 16.57
CA ASP A 256 -15.32 5.77 17.59
C ASP A 256 -15.35 6.50 18.95
N ASP A 257 -15.23 5.76 20.06
CA ASP A 257 -15.06 6.31 21.43
C ASP A 257 -14.22 7.58 21.41
N TYR A 258 -13.32 7.75 20.43
CA TYR A 258 -12.23 8.79 20.48
C TYR A 258 -12.42 9.86 19.39
N THR A 259 -12.36 11.12 19.84
CA THR A 259 -12.48 12.33 19.01
C THR A 259 -11.11 12.64 18.41
N VAL A 260 -11.12 13.19 17.19
CA VAL A 260 -9.88 13.41 16.44
C VAL A 260 -9.94 14.74 15.71
N ILE A 261 -8.76 15.30 15.43
CA ILE A 261 -8.64 16.50 14.67
C ILE A 261 -8.28 16.14 13.24
N ASN A 262 -9.05 16.65 12.29
CA ASN A 262 -8.69 16.51 10.86
C ASN A 262 -7.97 17.79 10.45
N SER A 263 -8.51 18.96 10.86
CA SER A 263 -8.03 20.21 10.29
C SER A 263 -7.89 21.26 11.36
N MET A 264 -6.87 22.08 11.18
CA MET A 264 -6.67 23.22 11.93
C MET A 264 -6.89 24.37 10.98
N VAL A 265 -7.46 25.45 11.51
CA VAL A 265 -7.72 26.64 10.76
C VAL A 265 -6.52 27.53 10.95
N ALA A 266 -6.01 28.12 9.85
CA ALA A 266 -4.73 28.78 9.95
C ALA A 266 -4.92 30.06 10.78
N GLY A 267 -4.09 30.20 11.82
CA GLY A 267 -4.11 31.35 12.73
C GLY A 267 -5.16 31.28 13.83
N GLY A 268 -5.87 30.14 13.94
CA GLY A 268 -6.74 29.78 15.10
C GLY A 268 -5.86 29.28 16.24
N PRO A 269 -6.24 29.49 17.53
CA PRO A 269 -5.39 29.16 18.67
C PRO A 269 -4.87 27.72 18.62
N ALA A 270 -5.68 26.76 18.15
CA ALA A 270 -5.19 25.37 18.00
C ALA A 270 -3.86 25.39 17.24
N ALA A 271 -3.91 25.93 16.03
CA ALA A 271 -2.76 26.01 15.14
C ALA A 271 -1.63 26.86 15.74
N LYS A 272 -2.00 27.97 16.41
CA LYS A 272 -1.05 28.90 16.99
C LYS A 272 -0.35 28.27 18.20
N SER A 273 -0.97 27.30 18.88
CA SER A 273 -0.31 26.69 20.02
C SER A 273 0.89 25.85 19.55
N LYS A 274 0.74 25.19 18.40
CA LYS A 274 1.78 24.34 17.79
C LYS A 274 2.01 23.08 18.64
N ALA A 275 1.01 22.72 19.46
CA ALA A 275 1.20 21.60 20.43
C ALA A 275 0.34 20.38 20.04
N ILE A 276 -0.98 20.60 19.95
CA ILE A 276 -1.93 19.67 19.36
C ILE A 276 -1.66 19.64 17.85
N SER A 277 -1.87 18.49 17.20
CA SER A 277 -1.71 18.41 15.77
C SER A 277 -2.83 17.58 15.13
N VAL A 278 -2.77 17.52 13.80
CA VAL A 278 -3.69 16.74 12.96
C VAL A 278 -3.52 15.28 13.35
N GLY A 279 -4.65 14.59 13.55
CA GLY A 279 -4.65 13.18 13.93
C GLY A 279 -4.72 12.96 15.44
N ASP A 280 -4.29 13.94 16.26
CA ASP A 280 -4.25 13.76 17.72
C ASP A 280 -5.69 13.49 18.22
N LYS A 281 -5.78 12.64 19.26
CA LYS A 281 -7.05 12.26 19.91
C LYS A 281 -7.22 13.04 21.19
N ILE A 282 -8.42 13.61 21.37
CA ILE A 282 -8.79 14.38 22.55
C ILE A 282 -9.50 13.47 23.53
N VAL A 283 -9.05 13.58 24.79
CA VAL A 283 -9.51 12.71 25.82
C VAL A 283 -10.11 13.53 26.97
N GLY A 284 -9.83 14.83 27.04
CA GLY A 284 -10.15 15.57 28.24
C GLY A 284 -10.10 17.07 28.04
N VAL A 285 -11.07 17.75 28.65
CA VAL A 285 -11.24 19.21 28.58
C VAL A 285 -11.47 19.72 30.01
N GLY A 286 -11.14 20.99 30.24
CA GLY A 286 -11.26 21.55 31.56
C GLY A 286 -11.37 23.06 31.52
N GLN A 287 -11.79 23.63 32.66
CA GLN A 287 -11.98 25.06 32.80
C GLN A 287 -11.07 25.55 33.93
N THR A 288 -11.01 26.88 34.15
CA THR A 288 -10.13 27.54 35.14
C THR A 288 -10.29 26.96 36.56
N GLY A 289 -11.55 26.89 37.03
CA GLY A 289 -11.86 26.39 38.38
C GLY A 289 -11.95 24.87 38.47
N LYS A 290 -12.78 24.29 37.59
CA LYS A 290 -13.15 22.87 37.60
C LYS A 290 -11.99 21.91 37.31
N PRO A 291 -12.13 20.65 37.79
CA PRO A 291 -11.15 19.59 37.51
C PRO A 291 -11.39 19.02 36.09
N MET A 292 -10.58 18.06 35.66
CA MET A 292 -10.54 17.74 34.21
C MET A 292 -11.58 16.65 33.86
N VAL A 293 -12.18 16.74 32.68
CA VAL A 293 -13.37 15.93 32.36
C VAL A 293 -13.11 14.98 31.17
N ASP A 294 -13.42 13.70 31.44
CA ASP A 294 -13.18 12.61 30.55
C ASP A 294 -14.23 12.68 29.44
N VAL A 295 -13.77 12.55 28.18
CA VAL A 295 -14.66 12.58 26.99
C VAL A 295 -14.44 11.34 26.11
N ILE A 296 -14.06 10.20 26.69
CA ILE A 296 -13.95 8.94 25.95
C ILE A 296 -15.35 8.38 25.69
N GLY A 297 -15.69 8.18 24.41
CA GLY A 297 -16.92 7.47 24.02
C GLY A 297 -18.15 8.38 23.90
N TRP A 298 -17.95 9.64 23.50
CA TRP A 298 -19.04 10.64 23.51
C TRP A 298 -19.72 10.75 22.13
N ARG A 299 -20.78 11.55 22.13
CA ARG A 299 -21.42 12.16 20.95
C ARG A 299 -20.58 13.37 20.58
N LEU A 300 -20.23 13.57 19.31
CA LEU A 300 -19.30 14.64 18.93
C LEU A 300 -19.74 16.02 19.47
N ASP A 301 -20.98 16.39 19.18
CA ASP A 301 -21.64 17.56 19.72
C ASP A 301 -21.27 17.83 21.20
N ASP A 302 -21.22 16.80 22.04
CA ASP A 302 -21.08 17.03 23.48
C ASP A 302 -19.62 17.38 23.83
N VAL A 303 -18.68 16.75 23.13
CA VAL A 303 -17.31 17.01 23.41
C VAL A 303 -17.07 18.48 23.00
N VAL A 304 -17.53 18.80 21.78
CA VAL A 304 -17.28 20.10 21.14
C VAL A 304 -17.86 21.21 22.00
N ALA A 305 -19.11 21.03 22.45
CA ALA A 305 -19.79 22.01 23.31
C ALA A 305 -18.89 22.38 24.50
N LEU A 306 -18.31 21.38 25.17
CA LEU A 306 -17.49 21.59 26.38
C LEU A 306 -16.29 22.49 26.05
N ILE A 307 -15.70 22.29 24.86
CA ILE A 307 -14.51 23.03 24.39
C ILE A 307 -14.84 24.52 24.31
N LYS A 308 -15.80 24.85 23.42
CA LYS A 308 -16.23 26.22 23.09
C LYS A 308 -16.48 26.99 24.40
N GLY A 309 -16.18 28.30 24.36
CA GLY A 309 -16.35 29.19 25.49
C GLY A 309 -16.43 30.65 25.06
N PRO A 310 -16.83 31.60 25.94
CA PRO A 310 -16.85 33.02 25.60
C PRO A 310 -15.43 33.48 25.22
N LYS A 311 -15.34 34.41 24.24
CA LYS A 311 -14.00 34.82 23.72
C LYS A 311 -13.13 35.30 24.86
N GLY A 312 -11.82 35.27 24.62
CA GLY A 312 -10.84 35.66 25.65
C GLY A 312 -10.89 34.75 26.88
N SER A 313 -11.70 33.67 26.79
CA SER A 313 -11.80 32.60 27.77
C SER A 313 -10.46 31.88 27.85
N LYS A 314 -10.39 30.83 28.67
CA LYS A 314 -9.35 29.83 28.44
C LYS A 314 -10.02 28.46 28.36
N VAL A 315 -9.25 27.49 27.88
CA VAL A 315 -9.62 26.13 27.94
C VAL A 315 -8.33 25.30 28.04
N ARG A 316 -8.52 24.18 28.73
CA ARG A 316 -7.58 23.17 29.10
C ARG A 316 -7.88 21.95 28.22
N LEU A 317 -6.88 21.40 27.56
CA LEU A 317 -7.10 20.33 26.68
C LEU A 317 -6.08 19.21 26.92
N GLU A 318 -6.55 17.95 26.83
CA GLU A 318 -5.73 16.72 27.04
C GLU A 318 -5.82 15.79 25.82
N ILE A 319 -4.65 15.44 25.30
CA ILE A 319 -4.57 14.73 24.02
C ILE A 319 -3.59 13.55 24.09
N LEU A 320 -3.94 12.53 23.31
CA LEU A 320 -3.13 11.38 23.00
C LEU A 320 -2.58 11.62 21.59
N PRO A 321 -1.27 11.92 21.48
CA PRO A 321 -0.65 12.27 20.20
C PRO A 321 -0.78 11.10 19.21
N ALA A 322 -0.88 11.41 17.92
CA ALA A 322 -0.89 10.41 16.83
C ALA A 322 -1.94 9.35 17.15
N GLY A 323 -1.56 8.07 17.15
CA GLY A 323 -2.44 6.99 17.54
C GLY A 323 -1.72 5.98 18.42
N LYS A 324 -2.45 5.42 19.40
CA LYS A 324 -1.99 4.26 20.17
C LYS A 324 -0.64 4.54 20.88
N GLY A 325 -0.31 5.81 21.09
CA GLY A 325 0.85 6.19 21.90
C GLY A 325 0.74 5.68 23.32
N THR A 326 -0.50 5.65 23.84
CA THR A 326 -0.84 5.22 25.22
C THR A 326 -0.35 6.23 26.27
N LYS A 327 0.35 7.29 25.85
CA LYS A 327 0.78 8.39 26.69
C LYS A 327 -0.02 9.63 26.29
N THR A 328 -0.44 10.44 27.27
CA THR A 328 -1.23 11.69 27.06
C THR A 328 -0.43 12.93 27.49
N ARG A 329 -0.52 14.01 26.69
CA ARG A 329 0.00 15.35 27.07
C ARG A 329 -1.16 16.35 27.20
N THR A 330 -0.84 17.46 27.87
CA THR A 330 -1.78 18.54 28.10
C THR A 330 -1.33 19.78 27.31
N VAL A 331 -2.33 20.45 26.74
CA VAL A 331 -2.22 21.67 25.93
C VAL A 331 -3.25 22.66 26.48
N THR A 332 -2.75 23.84 26.84
CA THR A 332 -3.56 24.93 27.30
C THR A 332 -3.67 26.02 26.23
N LEU A 333 -4.92 26.26 25.80
CA LEU A 333 -5.20 27.16 24.70
C LEU A 333 -5.68 28.52 25.25
N THR A 334 -4.83 29.56 25.02
CA THR A 334 -5.23 30.95 25.14
C THR A 334 -6.38 31.13 24.18
N ARG A 335 -7.62 31.06 24.66
CA ARG A 335 -8.67 31.21 23.74
C ARG A 335 -8.57 32.67 23.27
N GLU A 336 -8.64 32.80 21.93
CA GLU A 336 -8.83 34.00 21.19
C GLU A 336 -9.87 33.72 20.10
N ARG A 337 -10.05 34.74 19.27
CA ARG A 337 -10.78 34.69 18.03
C ARG A 337 -9.73 35.17 16.99
N ILE A 338 -9.54 34.47 15.85
CA ILE A 338 -8.39 34.62 14.88
C ILE A 338 -7.84 36.03 14.70
N ARG A 339 -6.63 36.34 15.16
CA ARG A 339 -6.05 37.65 14.83
C ARG A 339 -5.51 37.50 13.41
N LEU A 340 -5.79 38.47 12.54
CA LEU A 340 -5.33 38.37 11.13
C LEU A 340 -3.81 38.41 11.04
N GLU A 341 -3.10 38.99 12.01
CA GLU A 341 -1.65 38.97 11.86
C GLU A 341 -1.06 37.61 12.25
N ASP A 342 -1.86 36.80 12.94
CA ASP A 342 -1.53 35.39 13.12
C ASP A 342 -1.77 34.68 11.74
N ARG A 343 -2.86 35.03 11.07
CA ARG A 343 -3.21 34.53 9.77
C ARG A 343 -2.16 34.88 8.70
N ALA A 344 -1.37 35.94 8.95
CA ALA A 344 -0.66 36.70 7.90
C ALA A 344 0.52 35.88 7.33
N VAL A 345 0.94 36.21 6.11
CA VAL A 345 2.20 35.70 5.57
C VAL A 345 3.28 36.24 6.49
N LYS A 346 4.27 35.43 6.89
CA LYS A 346 5.42 35.94 7.64
C LYS A 346 6.69 35.82 6.78
N MET A 347 7.44 36.92 6.74
CA MET A 347 8.65 36.99 5.96
C MET A 347 9.85 36.96 6.92
N SER A 348 10.90 36.27 6.48
CA SER A 348 12.15 36.33 7.13
C SER A 348 13.23 36.24 6.07
N VAL A 349 14.47 36.60 6.46
CA VAL A 349 15.66 36.43 5.65
C VAL A 349 16.69 35.61 6.42
N LYS A 350 16.97 34.40 5.93
CA LYS A 350 18.09 33.59 6.40
C LYS A 350 19.36 33.94 5.61
N THR A 351 20.50 33.69 6.26
CA THR A 351 21.85 33.94 5.76
C THR A 351 22.77 32.72 6.07
N VAL A 352 23.61 32.36 5.09
CA VAL A 352 24.65 31.38 5.25
C VAL A 352 25.87 31.98 4.58
N GLY A 353 26.99 32.05 5.28
CA GLY A 353 28.13 32.78 4.79
C GLY A 353 27.74 34.23 4.67
N LYS A 354 27.70 34.75 3.44
CA LYS A 354 27.18 36.08 3.21
C LYS A 354 25.85 36.02 2.45
N GLU A 355 25.43 34.80 2.07
CA GLU A 355 24.35 34.54 1.11
C GLU A 355 23.00 34.68 1.79
N LYS A 356 21.99 35.07 1.03
CA LYS A 356 20.73 35.48 1.60
C LYS A 356 19.57 34.74 0.90
N VAL A 357 18.59 34.35 1.73
CA VAL A 357 17.49 33.53 1.31
C VAL A 357 16.24 34.10 1.96
N GLY A 358 15.37 34.72 1.16
CA GLY A 358 14.07 35.11 1.61
C GLY A 358 13.24 33.88 1.96
N VAL A 359 12.50 33.96 3.06
CA VAL A 359 11.61 32.90 3.40
C VAL A 359 10.24 33.52 3.62
N LEU A 360 9.24 33.01 2.88
CA LEU A 360 7.86 33.25 3.18
C LEU A 360 7.25 31.97 3.80
N ASP A 361 6.87 32.03 5.10
CA ASP A 361 5.87 31.10 5.62
C ASP A 361 4.52 31.67 5.18
N ILE A 362 3.81 30.91 4.35
CA ILE A 362 2.47 31.23 4.06
C ILE A 362 1.60 30.19 4.75
N PRO A 363 0.97 30.58 5.89
CA PRO A 363 0.11 29.69 6.66
C PRO A 363 -1.02 29.03 5.88
N GLY A 364 -1.64 29.87 5.04
CA GLY A 364 -2.82 29.52 4.30
C GLY A 364 -3.01 30.45 3.13
N PHE A 365 -3.93 30.09 2.24
CA PHE A 365 -4.17 30.88 1.05
C PHE A 365 -5.31 31.85 1.35
N TYR A 366 -4.94 32.86 2.15
CA TYR A 366 -5.83 33.90 2.57
C TYR A 366 -6.01 34.95 1.46
N VAL A 367 -7.15 35.63 1.49
CA VAL A 367 -7.34 36.77 0.66
C VAL A 367 -6.26 37.83 0.94
N GLY A 368 -5.50 38.18 -0.10
CA GLY A 368 -4.60 39.30 -0.06
C GLY A 368 -3.19 38.82 -0.01
N LEU A 369 -3.09 37.49 0.09
CA LEU A 369 -1.84 36.80 0.08
C LEU A 369 -0.92 37.43 -0.97
N THR A 370 -1.39 37.43 -2.23
CA THR A 370 -0.55 37.81 -3.39
C THR A 370 -0.13 39.26 -3.27
N ASP A 371 -0.97 40.13 -2.71
CA ASP A 371 -0.59 41.52 -2.52
C ASP A 371 0.44 41.70 -1.39
N ASP A 372 0.18 41.05 -0.25
CA ASP A 372 1.15 40.99 0.87
C ASP A 372 2.50 40.50 0.31
N VAL A 373 2.46 39.46 -0.53
CA VAL A 373 3.66 38.85 -1.13
C VAL A 373 4.42 39.87 -2.00
N LYS A 374 3.72 40.55 -2.89
CA LYS A 374 4.34 41.63 -3.67
C LYS A 374 5.12 42.59 -2.74
N VAL A 375 4.51 43.04 -1.63
CA VAL A 375 5.22 43.95 -0.72
C VAL A 375 6.44 43.27 -0.08
N GLN A 376 6.32 41.99 0.30
CA GLN A 376 7.48 41.24 0.82
C GLN A 376 8.59 41.17 -0.21
N LEU A 377 8.26 40.98 -1.50
CA LEU A 377 9.25 40.95 -2.58
C LEU A 377 10.04 42.27 -2.63
N GLN A 378 9.40 43.38 -2.26
CA GLN A 378 10.04 44.71 -2.18
C GLN A 378 11.23 44.69 -1.20
N LYS A 379 10.99 44.24 0.05
CA LYS A 379 12.04 44.15 1.09
C LYS A 379 13.12 43.15 0.63
N LEU A 380 12.73 42.14 -0.15
CA LEU A 380 13.63 41.03 -0.55
C LEU A 380 14.58 41.55 -1.61
N GLU A 381 14.26 42.68 -2.23
CA GLU A 381 15.09 43.16 -3.33
C GLU A 381 16.06 44.14 -2.71
N LYS A 382 15.61 44.84 -1.66
CA LYS A 382 16.48 45.70 -0.83
C LYS A 382 17.67 44.86 -0.31
N GLN A 383 17.31 43.72 0.25
CA GLN A 383 18.25 42.82 0.89
C GLN A 383 19.01 41.99 -0.18
N ASN A 384 18.64 42.06 -1.47
CA ASN A 384 19.41 41.33 -2.50
C ASN A 384 19.52 39.81 -2.20
N VAL A 385 18.39 39.09 -2.13
CA VAL A 385 18.45 37.65 -1.80
C VAL A 385 18.74 36.89 -3.10
N SER A 386 19.49 35.78 -2.92
CA SER A 386 20.05 34.98 -4.02
C SER A 386 19.08 33.86 -4.44
N SER A 387 18.14 33.56 -3.54
CA SER A 387 17.04 32.63 -3.71
C SER A 387 15.97 32.84 -2.60
N VAL A 388 14.83 32.17 -2.74
CA VAL A 388 13.61 32.38 -1.95
C VAL A 388 12.83 31.07 -1.80
N ILE A 389 12.49 30.76 -0.55
CA ILE A 389 11.68 29.62 -0.22
C ILE A 389 10.24 30.10 0.03
N ILE A 390 9.31 29.37 -0.57
CA ILE A 390 7.92 29.41 -0.24
C ILE A 390 7.66 28.20 0.65
N ASP A 391 7.23 28.45 1.87
CA ASP A 391 7.09 27.39 2.81
C ASP A 391 5.60 27.14 3.01
N LEU A 392 5.09 26.05 2.42
CA LEU A 392 3.65 25.79 2.49
C LEU A 392 3.40 24.60 3.43
N ARG A 393 4.27 24.41 4.43
CA ARG A 393 4.24 23.19 5.20
C ARG A 393 3.08 23.27 6.17
N SER A 394 2.31 22.20 6.22
CA SER A 394 1.10 22.10 6.99
C SER A 394 0.10 23.21 6.59
N ASN A 395 0.08 23.66 5.33
CA ASN A 395 -0.86 24.71 4.78
C ASN A 395 -1.96 23.97 4.02
N GLY A 396 -3.04 23.62 4.70
CA GLY A 396 -4.21 23.00 4.01
C GLY A 396 -5.11 23.96 3.23
N GLY A 397 -4.56 25.05 2.69
CA GLY A 397 -5.31 25.85 1.74
C GLY A 397 -6.19 26.97 2.31
N GLY A 398 -7.12 27.36 1.44
CA GLY A 398 -7.69 28.73 1.26
C GLY A 398 -8.14 28.91 -0.20
N ALA A 399 -8.11 30.16 -0.66
CA ALA A 399 -8.67 30.62 -1.92
C ALA A 399 -7.93 30.09 -3.15
N LEU A 400 -8.64 29.40 -4.08
CA LEU A 400 -7.96 28.95 -5.36
C LEU A 400 -7.52 30.16 -6.21
N THR A 401 -8.35 31.20 -6.18
CA THR A 401 -8.08 32.59 -6.63
C THR A 401 -6.64 33.05 -6.37
N GLU A 402 -6.24 32.98 -5.08
CA GLU A 402 -5.00 33.55 -4.61
C GLU A 402 -3.88 32.65 -5.08
N ALA A 403 -4.09 31.33 -5.00
CA ALA A 403 -3.13 30.32 -5.51
C ALA A 403 -2.64 30.65 -6.94
N VAL A 404 -3.59 31.14 -7.78
CA VAL A 404 -3.42 31.43 -9.18
C VAL A 404 -2.52 32.68 -9.34
N SER A 405 -2.87 33.74 -8.59
CA SER A 405 -2.24 35.08 -8.56
C SER A 405 -0.78 34.97 -8.22
N LEU A 406 -0.54 34.18 -7.17
CA LEU A 406 0.77 33.93 -6.65
C LEU A 406 1.60 33.17 -7.69
N SER A 407 1.05 32.07 -8.24
CA SER A 407 1.78 31.34 -9.26
C SER A 407 2.31 32.35 -10.25
N GLY A 408 1.44 33.26 -10.64
CA GLY A 408 1.70 34.14 -11.72
C GLY A 408 2.67 35.25 -11.40
N LEU A 409 3.18 35.29 -10.18
CA LEU A 409 4.17 36.31 -9.80
C LEU A 409 5.54 35.81 -10.33
N PHE A 410 5.63 34.52 -10.63
CA PHE A 410 6.93 33.79 -10.90
C PHE A 410 7.04 33.27 -12.33
N ILE A 411 5.90 33.27 -13.01
CA ILE A 411 5.75 32.99 -14.40
C ILE A 411 5.06 34.21 -15.01
N PRO A 412 5.35 34.62 -16.26
CA PRO A 412 4.60 35.73 -16.80
C PRO A 412 3.35 35.22 -17.52
N ALA A 413 2.14 35.35 -17.01
CA ALA A 413 1.03 35.00 -17.90
C ALA A 413 1.08 33.50 -18.29
N GLY A 414 -0.11 32.86 -18.33
CA GLY A 414 -0.17 31.43 -18.50
C GLY A 414 -1.19 30.78 -17.59
N PRO A 415 -1.65 29.57 -17.96
CA PRO A 415 -2.58 28.79 -17.16
C PRO A 415 -1.90 28.18 -15.94
N ILE A 416 -2.69 28.00 -14.86
CA ILE A 416 -2.22 27.57 -13.58
C ILE A 416 -2.83 26.23 -13.20
N VAL A 417 -4.13 26.09 -13.49
CA VAL A 417 -5.01 25.04 -12.99
C VAL A 417 -6.21 24.89 -13.93
N GLN A 418 -6.62 23.63 -14.10
CA GLN A 418 -7.80 23.22 -14.87
C GLN A 418 -8.86 22.78 -13.86
N VAL A 419 -10.08 23.31 -14.00
CA VAL A 419 -11.17 23.02 -13.02
C VAL A 419 -12.31 22.31 -13.74
N ARG A 420 -12.64 21.13 -13.24
CA ARG A 420 -13.60 20.24 -13.85
C ARG A 420 -14.76 20.09 -12.89
N ASP A 421 -15.97 20.24 -13.44
CA ASP A 421 -17.16 20.38 -12.66
C ASP A 421 -18.01 19.10 -12.76
N ASN A 422 -19.21 19.19 -12.16
CA ASN A 422 -20.11 18.04 -11.99
C ASN A 422 -20.94 17.86 -13.27
N ASN A 423 -20.51 18.55 -14.35
CA ASN A 423 -21.08 18.42 -15.68
C ASN A 423 -20.04 17.96 -16.72
N GLY A 424 -18.77 17.76 -16.28
CA GLY A 424 -17.65 17.28 -17.13
C GLY A 424 -16.99 18.43 -17.91
N LYS A 425 -17.48 19.63 -17.64
CA LYS A 425 -17.05 20.84 -18.30
C LYS A 425 -15.71 21.26 -17.66
N VAL A 426 -14.83 21.90 -18.45
CA VAL A 426 -13.54 22.30 -17.90
C VAL A 426 -13.34 23.84 -18.03
N ARG A 427 -12.93 24.45 -16.90
CA ARG A 427 -12.53 25.86 -16.82
C ARG A 427 -11.02 25.92 -16.50
N GLU A 428 -10.33 26.81 -17.19
CA GLU A 428 -8.91 26.96 -17.09
C GLU A 428 -8.62 28.34 -16.52
N ASP A 429 -8.00 28.34 -15.34
CA ASP A 429 -7.74 29.55 -14.55
C ASP A 429 -6.29 29.91 -14.78
N SER A 430 -6.06 31.17 -15.15
CA SER A 430 -4.74 31.56 -15.60
C SER A 430 -4.35 32.93 -15.05
N ASP A 431 -3.03 33.19 -15.11
CA ASP A 431 -2.39 34.45 -14.81
C ASP A 431 -2.23 35.26 -16.11
N THR A 432 -2.39 36.59 -16.03
CA THR A 432 -2.40 37.43 -17.21
C THR A 432 -1.26 38.43 -17.16
N ASP A 433 -0.73 38.75 -15.96
CA ASP A 433 0.48 39.50 -15.88
C ASP A 433 1.48 38.92 -16.88
N GLY A 434 2.07 39.76 -17.73
CA GLY A 434 3.17 39.38 -18.55
C GLY A 434 4.50 39.59 -17.84
N GLN A 435 4.39 39.75 -16.52
CA GLN A 435 5.39 40.15 -15.53
C GLN A 435 5.61 39.05 -14.48
N VAL A 436 6.87 38.90 -14.09
CA VAL A 436 7.38 38.16 -13.01
C VAL A 436 7.87 39.24 -12.05
N PHE A 437 7.36 39.29 -10.82
CA PHE A 437 7.86 40.19 -9.84
C PHE A 437 9.12 39.69 -9.13
N TYR A 438 9.32 38.38 -9.20
CA TYR A 438 10.53 37.83 -8.74
C TYR A 438 10.97 36.68 -9.64
N LYS A 439 12.19 36.91 -10.16
CA LYS A 439 12.83 36.27 -11.34
C LYS A 439 13.78 35.18 -10.85
N GLY A 440 14.35 35.36 -9.64
CA GLY A 440 15.39 34.48 -9.02
C GLY A 440 14.90 33.07 -8.67
N PRO A 441 15.81 32.15 -8.30
CA PRO A 441 15.46 30.78 -7.93
C PRO A 441 14.48 30.68 -6.76
N LEU A 442 13.73 29.59 -6.75
CA LEU A 442 12.57 29.49 -5.93
C LEU A 442 12.42 28.05 -5.48
N VAL A 443 12.18 27.88 -4.20
CA VAL A 443 11.86 26.55 -3.71
C VAL A 443 10.52 26.63 -3.05
N VAL A 444 9.74 25.58 -3.17
CA VAL A 444 8.52 25.53 -2.47
C VAL A 444 8.68 24.28 -1.65
N LEU A 445 8.47 24.45 -0.35
CA LEU A 445 8.63 23.42 0.65
C LEU A 445 7.24 22.99 1.08
N VAL A 446 6.96 21.69 1.00
CA VAL A 446 5.60 21.13 1.21
C VAL A 446 5.69 19.87 2.09
N ASP A 447 4.61 19.53 2.79
CA ASP A 447 4.64 18.29 3.56
C ASP A 447 3.28 17.60 3.43
N ARG A 448 3.19 16.48 4.17
CA ARG A 448 2.02 15.61 4.25
C ARG A 448 0.72 16.39 4.25
N PHE A 449 0.76 17.58 4.90
CA PHE A 449 -0.41 18.33 5.33
C PHE A 449 -0.60 19.58 4.44
N SER A 450 0.24 19.72 3.42
CA SER A 450 0.06 20.74 2.43
C SER A 450 -1.09 20.32 1.53
N ALA A 451 -1.96 21.26 1.13
CA ALA A 451 -3.23 20.87 0.44
C ALA A 451 -3.73 21.99 -0.48
N ILE A 452 -4.50 21.52 -1.47
CA ILE A 452 -5.31 22.32 -2.33
C ILE A 452 -4.46 23.44 -2.92
N ALA A 453 -4.61 24.63 -2.33
CA ALA A 453 -4.14 25.83 -3.00
C ALA A 453 -2.64 25.73 -3.05
N SER A 454 -2.09 25.20 -1.94
CA SER A 454 -0.67 24.90 -1.80
C SER A 454 -0.26 23.91 -2.91
N GLU A 455 -1.07 22.87 -3.08
CA GLU A 455 -0.74 21.81 -3.96
C GLU A 455 -0.78 22.36 -5.38
N ILE A 456 -1.78 23.18 -5.70
CA ILE A 456 -1.95 23.70 -7.07
C ILE A 456 -0.84 24.72 -7.38
N PHE A 457 -0.46 25.54 -6.39
CA PHE A 457 0.66 26.39 -6.56
C PHE A 457 1.95 25.56 -6.70
N ALA A 458 2.12 24.55 -5.84
CA ALA A 458 3.30 23.71 -5.86
C ALA A 458 3.39 22.92 -7.15
N ALA A 459 2.27 22.34 -7.57
CA ALA A 459 2.09 21.65 -8.85
C ALA A 459 2.50 22.57 -10.00
N ALA A 460 1.89 23.76 -10.03
CA ALA A 460 2.11 24.70 -11.12
C ALA A 460 3.58 25.12 -11.18
N MET A 461 4.21 25.36 -10.01
CA MET A 461 5.65 25.77 -10.01
C MET A 461 6.49 24.64 -10.58
N GLN A 462 6.09 23.38 -10.36
CA GLN A 462 6.80 22.22 -10.92
C GLN A 462 6.60 22.21 -12.43
N ASP A 463 5.34 22.33 -12.85
CA ASP A 463 4.92 22.17 -14.26
C ASP A 463 5.60 23.26 -15.12
N TYR A 464 5.87 24.43 -14.54
CA TYR A 464 6.50 25.52 -15.27
C TYR A 464 8.03 25.42 -15.24
N GLY A 465 8.57 24.44 -14.50
CA GLY A 465 10.01 24.35 -14.16
C GLY A 465 10.59 25.68 -13.69
N ARG A 466 9.85 26.40 -12.83
CA ARG A 466 10.21 27.72 -12.24
C ARG A 466 10.76 27.59 -10.81
N ALA A 467 10.50 26.44 -10.16
CA ALA A 467 11.02 26.22 -8.83
C ALA A 467 11.21 24.76 -8.53
N LEU A 468 11.96 24.50 -7.49
CA LEU A 468 12.23 23.16 -6.98
C LEU A 468 11.20 22.88 -5.89
N VAL A 469 10.74 21.65 -5.82
CA VAL A 469 9.91 21.33 -4.68
C VAL A 469 10.72 20.46 -3.74
N VAL A 470 10.58 20.74 -2.44
CA VAL A 470 11.27 19.99 -1.38
C VAL A 470 10.26 19.60 -0.28
N GLY A 471 10.46 18.42 0.35
CA GLY A 471 9.69 18.00 1.53
C GLY A 471 9.14 16.58 1.45
N GLU A 472 7.80 16.42 1.55
CA GLU A 472 7.09 15.11 1.52
C GLU A 472 5.99 15.11 0.46
N PRO A 473 5.57 13.93 -0.05
CA PRO A 473 4.33 13.79 -0.79
C PRO A 473 3.23 14.64 -0.17
N THR A 474 2.51 15.46 -0.95
CA THR A 474 1.45 16.33 -0.40
C THR A 474 0.13 15.55 -0.19
N PHE A 475 -0.82 16.20 0.50
CA PHE A 475 -1.98 15.52 1.02
C PHE A 475 -2.74 14.85 -0.12
N GLY A 476 -2.99 15.61 -1.21
CA GLY A 476 -3.58 15.09 -2.44
C GLY A 476 -5.08 15.35 -2.55
N LYS A 477 -5.63 16.24 -1.71
CA LYS A 477 -7.02 16.67 -1.84
C LYS A 477 -7.17 17.50 -3.13
N GLY A 478 -7.74 16.88 -4.15
CA GLY A 478 -7.85 17.49 -5.50
C GLY A 478 -9.28 17.87 -5.89
N THR A 479 -10.13 18.06 -4.90
CA THR A 479 -11.47 18.30 -5.15
C THR A 479 -11.94 19.37 -4.20
N VAL A 480 -12.95 20.10 -4.66
CA VAL A 480 -13.65 21.02 -3.78
C VAL A 480 -15.07 20.55 -3.58
N GLN A 481 -15.65 21.00 -2.46
CA GLN A 481 -17.05 20.75 -2.15
C GLN A 481 -17.75 22.11 -2.11
N GLN A 482 -19.08 22.11 -1.97
CA GLN A 482 -19.80 23.31 -1.58
C GLN A 482 -20.93 22.92 -0.64
N TYR A 483 -21.47 23.89 0.10
CA TYR A 483 -22.72 23.72 0.87
C TYR A 483 -23.92 24.13 -0.02
N ARG A 484 -24.99 23.33 0.03
CA ARG A 484 -26.33 23.81 -0.29
C ARG A 484 -27.22 23.63 0.95
N SER A 485 -28.10 24.61 1.20
CA SER A 485 -29.20 24.46 2.15
C SER A 485 -30.23 23.47 1.62
N LEU A 486 -30.80 22.76 2.57
CA LEU A 486 -31.91 21.87 2.33
C LEU A 486 -33.25 22.62 2.40
N ASN A 487 -33.22 23.83 2.97
CA ASN A 487 -34.38 24.70 3.08
C ASN A 487 -34.66 25.28 1.68
N ARG A 488 -35.92 25.15 1.25
CA ARG A 488 -36.46 25.77 0.07
C ARG A 488 -37.50 26.82 0.54
N ILE A 489 -37.67 27.87 -0.26
CA ILE A 489 -38.27 29.15 0.22
C ILE A 489 -39.68 28.96 0.78
N TYR A 490 -40.40 27.90 0.37
CA TYR A 490 -41.88 27.67 0.61
C TYR A 490 -42.15 26.94 1.95
N ASP A 491 -41.10 26.55 2.66
CA ASP A 491 -41.24 25.69 3.80
C ASP A 491 -42.00 26.42 4.94
N GLN A 492 -41.78 27.71 5.16
CA GLN A 492 -42.46 28.42 6.28
C GLN A 492 -43.73 29.18 5.82
N MET A 493 -44.10 29.12 4.52
CA MET A 493 -45.49 29.50 4.13
C MET A 493 -46.40 28.26 4.37
N LEU A 494 -45.86 27.05 4.12
CA LEU A 494 -46.69 25.89 4.11
C LEU A 494 -46.41 25.02 5.33
N ARG A 495 -45.67 25.52 6.32
CA ARG A 495 -45.37 24.71 7.50
C ARG A 495 -45.06 25.64 8.67
N PRO A 496 -45.35 25.18 9.90
CA PRO A 496 -44.60 25.60 11.07
C PRO A 496 -43.56 24.57 11.54
N GLU A 497 -43.36 23.44 10.79
CA GLU A 497 -42.05 22.80 10.76
C GLU A 497 -41.14 24.03 10.68
N TRP A 498 -40.35 24.27 11.70
CA TRP A 498 -39.39 25.28 11.60
C TRP A 498 -38.23 24.56 12.22
N PRO A 499 -38.21 23.19 12.27
CA PRO A 499 -37.16 22.53 13.04
C PRO A 499 -35.87 22.99 12.34
N ALA A 500 -36.07 23.53 11.13
CA ALA A 500 -35.06 23.94 10.18
C ALA A 500 -34.60 22.65 9.56
N LEU A 501 -34.06 22.74 8.37
CA LEU A 501 -33.39 21.61 7.79
C LEU A 501 -31.88 21.93 7.84
N GLY A 502 -31.07 20.86 7.79
CA GLY A 502 -29.61 20.98 7.77
C GLY A 502 -29.10 21.41 6.40
N SER A 503 -27.81 21.17 6.13
CA SER A 503 -27.18 21.39 4.80
C SER A 503 -26.44 20.12 4.36
N VAL A 504 -26.18 20.08 3.06
CA VAL A 504 -25.29 19.11 2.47
C VAL A 504 -24.01 19.84 2.03
N GLN A 505 -22.92 19.09 2.03
CA GLN A 505 -21.62 19.51 1.61
C GLN A 505 -21.08 18.38 0.70
N TYR A 506 -20.69 18.65 -0.55
CA TYR A 506 -20.40 17.53 -1.43
C TYR A 506 -19.62 17.96 -2.66
N THR A 507 -19.00 16.99 -3.34
CA THR A 507 -17.87 17.27 -4.29
C THR A 507 -18.46 17.89 -5.57
N ILE A 508 -18.03 19.07 -5.96
CA ILE A 508 -18.57 19.65 -7.14
C ILE A 508 -17.54 19.76 -8.27
N GLN A 509 -16.25 19.73 -7.90
CA GLN A 509 -15.11 20.03 -8.79
C GLN A 509 -13.97 19.06 -8.43
N LYS A 510 -13.16 18.77 -9.44
CA LYS A 510 -11.88 18.12 -9.32
C LYS A 510 -10.83 19.02 -9.98
N PHE A 511 -9.68 19.17 -9.34
CA PHE A 511 -8.65 20.07 -9.76
C PHE A 511 -7.65 19.34 -10.64
N TYR A 512 -7.11 20.06 -11.63
CA TYR A 512 -6.16 19.51 -12.54
C TYR A 512 -4.95 20.43 -12.68
N ARG A 513 -3.76 19.81 -12.87
CA ARG A 513 -2.46 20.48 -13.08
C ARG A 513 -2.48 21.03 -14.50
N VAL A 514 -1.50 21.86 -14.93
CA VAL A 514 -1.53 22.27 -16.36
C VAL A 514 -0.97 21.17 -17.27
N ASN A 515 -0.13 20.29 -16.70
CA ASN A 515 0.25 18.99 -17.31
C ASN A 515 -0.98 18.08 -17.52
N GLY A 516 -2.13 18.32 -16.87
CA GLY A 516 -3.36 17.57 -17.12
C GLY A 516 -3.61 16.44 -16.12
N GLY A 517 -2.63 16.10 -15.27
CA GLY A 517 -2.93 15.27 -14.05
C GLY A 517 -3.72 16.04 -12.98
N SER A 518 -4.60 15.31 -12.29
CA SER A 518 -5.25 15.80 -11.07
C SER A 518 -4.31 15.66 -9.88
N THR A 519 -4.49 16.49 -8.85
CA THR A 519 -3.66 16.40 -7.72
C THR A 519 -4.28 15.36 -6.82
N GLN A 520 -5.37 14.76 -7.23
CA GLN A 520 -6.20 13.93 -6.33
C GLN A 520 -5.38 12.66 -5.97
N ARG A 521 -5.25 12.39 -4.70
CA ARG A 521 -4.58 11.15 -4.15
C ARG A 521 -3.02 11.08 -4.17
N LYS A 522 -2.32 11.93 -4.93
CA LYS A 522 -0.85 11.80 -5.17
C LYS A 522 -0.27 13.16 -4.82
N GLY A 523 -1.07 14.21 -5.10
CA GLY A 523 -0.78 15.55 -4.76
C GLY A 523 0.37 15.95 -5.63
N VAL A 524 1.37 16.61 -5.05
CA VAL A 524 2.63 16.93 -5.71
C VAL A 524 3.76 16.11 -5.09
N THR A 525 4.59 15.50 -5.91
CA THR A 525 5.71 14.68 -5.41
C THR A 525 6.98 15.53 -5.60
N PRO A 526 7.59 16.03 -4.48
CA PRO A 526 8.72 16.96 -4.55
C PRO A 526 9.89 16.35 -5.33
N ASP A 527 10.74 17.23 -5.87
CA ASP A 527 11.96 16.88 -6.58
C ASP A 527 12.93 16.24 -5.57
N ILE A 528 13.01 16.89 -4.39
CA ILE A 528 13.80 16.42 -3.27
C ILE A 528 12.88 16.05 -2.11
N ILE A 529 12.98 14.78 -1.70
CA ILE A 529 12.25 14.17 -0.62
C ILE A 529 13.15 14.18 0.61
N MET A 530 12.69 14.86 1.68
CA MET A 530 13.29 14.78 2.94
C MET A 530 12.90 13.46 3.56
N PRO A 531 13.74 12.99 4.49
CA PRO A 531 13.71 11.63 4.95
C PRO A 531 12.34 11.14 5.29
N THR A 532 11.53 12.02 5.88
CA THR A 532 10.19 11.63 6.35
C THR A 532 9.36 11.14 5.16
N GLY A 533 9.46 11.82 4.01
CA GLY A 533 8.68 11.55 2.80
C GLY A 533 9.04 10.26 2.05
N ASN A 534 10.13 9.58 2.44
CA ASN A 534 10.55 8.29 1.82
C ASN A 534 9.93 7.10 2.60
N GLU A 535 8.81 7.28 3.35
CA GLU A 535 8.15 6.12 4.06
C GLU A 535 6.63 6.07 3.85
N GLU A 536 5.90 5.09 4.43
CA GLU A 536 4.41 5.22 4.53
C GLU A 536 3.97 5.91 5.85
N THR A 537 2.66 6.22 5.89
CA THR A 537 2.01 7.15 6.81
C THR A 537 0.52 6.73 6.94
N GLU A 538 -0.21 7.32 7.89
CA GLU A 538 -1.64 7.12 8.10
C GLU A 538 -2.43 8.10 7.22
N THR A 539 -1.78 9.17 6.75
CA THR A 539 -2.50 10.29 6.30
C THR A 539 -2.19 10.54 4.83
N GLY A 540 -3.23 11.09 4.18
CA GLY A 540 -3.25 11.55 2.83
C GLY A 540 -4.62 11.25 2.30
N GLU A 541 -5.03 11.98 1.28
CA GLU A 541 -6.32 11.76 0.64
C GLU A 541 -6.41 10.29 0.18
N LYS A 542 -5.28 9.74 -0.27
CA LYS A 542 -5.19 8.41 -0.81
C LYS A 542 -5.51 7.35 0.26
N PHE A 543 -5.12 7.56 1.52
CA PHE A 543 -5.42 6.52 2.53
C PHE A 543 -6.87 6.64 3.04
N GLU A 544 -7.65 7.61 2.52
CA GLU A 544 -8.99 7.93 3.05
C GLU A 544 -10.04 7.00 2.46
N ASP A 545 -11.11 6.78 3.23
CA ASP A 545 -12.18 5.82 2.91
C ASP A 545 -13.00 6.26 1.67
N ASN A 546 -12.77 5.58 0.54
CA ASN A 546 -13.53 5.80 -0.70
C ASN A 546 -13.16 7.11 -1.39
N ALA A 547 -11.94 7.61 -1.20
CA ALA A 547 -11.47 8.84 -1.95
C ALA A 547 -11.54 8.62 -3.46
N LEU A 548 -11.84 9.70 -4.21
CA LEU A 548 -12.08 9.58 -5.63
C LEU A 548 -10.71 9.37 -6.23
N PRO A 549 -10.57 8.51 -7.27
CA PRO A 549 -9.27 8.08 -7.80
C PRO A 549 -8.59 9.13 -8.67
N TRP A 550 -7.26 9.04 -8.77
CA TRP A 550 -6.50 9.89 -9.69
C TRP A 550 -6.95 9.71 -11.15
N ASP A 551 -6.87 10.82 -11.90
CA ASP A 551 -7.01 10.74 -13.35
C ASP A 551 -6.39 11.97 -14.04
N SER A 552 -6.47 11.96 -15.37
CA SER A 552 -5.96 13.08 -16.17
C SER A 552 -7.05 13.71 -17.04
N ILE A 553 -6.66 14.86 -17.60
CA ILE A 553 -7.25 15.47 -18.73
C ILE A 553 -6.08 15.96 -19.60
N ASP A 554 -6.40 16.64 -20.71
CA ASP A 554 -5.43 16.87 -21.76
C ASP A 554 -4.68 18.06 -21.23
N ALA A 555 -3.37 18.12 -21.48
CA ALA A 555 -2.56 19.24 -20.92
C ALA A 555 -3.02 20.54 -21.56
N ALA A 556 -3.06 21.60 -20.74
CA ALA A 556 -3.35 22.93 -21.22
C ALA A 556 -2.12 23.42 -21.98
N THR A 557 -2.22 24.58 -22.60
CA THR A 557 -1.14 25.02 -23.46
C THR A 557 -0.39 26.08 -22.67
N TYR A 558 0.88 25.80 -22.35
CA TYR A 558 1.66 26.75 -21.59
C TYR A 558 3.09 26.97 -22.13
N VAL A 559 3.67 28.04 -21.61
CA VAL A 559 4.99 28.58 -21.89
C VAL A 559 5.90 28.34 -20.66
N LYS A 560 6.71 27.27 -20.68
CA LYS A 560 7.54 26.96 -19.52
C LYS A 560 8.54 28.10 -19.32
N SER A 561 8.87 28.29 -18.05
CA SER A 561 9.64 29.43 -17.56
C SER A 561 11.12 29.02 -17.44
N GLY A 562 11.40 27.72 -17.65
CA GLY A 562 12.75 27.16 -17.56
C GLY A 562 12.72 25.66 -17.38
N ASP A 563 13.93 25.09 -17.29
CA ASP A 563 14.04 23.66 -17.08
C ASP A 563 15.16 23.45 -16.06
N LEU A 564 14.81 22.78 -14.97
CA LEU A 564 15.62 22.57 -13.87
C LEU A 564 15.92 21.07 -13.75
N THR A 565 15.90 20.30 -14.85
CA THR A 565 16.15 18.79 -14.71
C THR A 565 17.67 18.50 -14.76
N ALA A 566 18.41 19.34 -15.51
CA ALA A 566 19.87 19.41 -15.45
C ALA A 566 20.41 19.28 -14.02
N PHE A 567 19.84 20.10 -13.14
CA PHE A 567 20.38 20.35 -11.83
C PHE A 567 20.07 19.24 -10.80
N GLU A 568 19.18 18.29 -11.11
CA GLU A 568 18.66 17.34 -10.07
C GLU A 568 19.77 16.50 -9.43
N PRO A 569 20.69 15.85 -10.18
CA PRO A 569 21.70 14.98 -9.58
C PRO A 569 22.69 15.69 -8.65
N GLU A 570 23.17 16.89 -9.01
CA GLU A 570 24.12 17.58 -8.11
C GLU A 570 23.34 18.10 -6.89
N LEU A 571 22.10 18.57 -7.09
CA LEU A 571 21.22 19.01 -5.99
C LEU A 571 21.04 17.88 -4.97
N LEU A 572 20.68 16.70 -5.48
CA LEU A 572 20.42 15.47 -4.67
C LEU A 572 21.70 15.03 -3.94
N LYS A 573 22.83 15.07 -4.67
CA LYS A 573 24.16 14.53 -4.27
C LYS A 573 24.64 15.28 -3.02
N GLU A 574 24.68 16.61 -3.14
CA GLU A 574 25.10 17.51 -2.06
C GLU A 574 24.08 17.48 -0.90
N HIS A 575 22.79 17.41 -1.24
CA HIS A 575 21.71 17.33 -0.26
C HIS A 575 21.87 16.06 0.59
N ASN A 576 22.05 14.93 -0.10
CA ASN A 576 22.10 13.65 0.57
C ASN A 576 23.34 13.59 1.46
N ALA A 577 24.47 14.09 0.94
CA ALA A 577 25.70 14.19 1.69
C ALA A 577 25.47 15.00 2.98
N ARG A 578 24.94 16.22 2.86
CA ARG A 578 24.84 17.15 4.01
C ARG A 578 24.02 16.53 5.15
N ILE A 579 22.90 15.89 4.78
CA ILE A 579 21.96 15.44 5.77
C ILE A 579 22.49 14.14 6.38
N ALA A 580 23.38 13.44 5.66
CA ALA A 580 24.02 12.22 6.16
C ALA A 580 24.91 12.54 7.36
N LYS A 581 25.53 13.73 7.39
CA LYS A 581 26.46 14.12 8.47
C LYS A 581 25.74 14.91 9.57
N ASP A 582 24.42 15.11 9.42
CA ASP A 582 23.67 16.07 10.21
C ASP A 582 22.93 15.40 11.35
N PRO A 583 23.20 15.81 12.62
CA PRO A 583 22.65 15.11 13.80
C PRO A 583 21.12 14.90 13.78
N GLU A 584 20.38 15.94 13.37
CA GLU A 584 18.95 15.91 13.44
C GLU A 584 18.42 14.91 12.41
N PHE A 585 19.01 14.93 11.20
CA PHE A 585 18.61 13.99 10.16
C PHE A 585 18.98 12.57 10.56
N GLN A 586 20.11 12.42 11.26
CA GLN A 586 20.56 11.14 11.77
C GLN A 586 19.50 10.60 12.73
N ASN A 587 19.07 11.47 13.65
CA ASN A 587 18.11 11.09 14.64
C ASN A 587 16.78 10.77 13.96
N ILE A 588 16.43 11.59 12.94
CA ILE A 588 15.13 11.46 12.26
C ILE A 588 15.06 10.05 11.63
N MET A 589 16.19 9.65 11.00
CA MET A 589 16.33 8.38 10.31
C MET A 589 16.08 7.21 11.26
N LYS A 590 16.68 7.30 12.45
CA LYS A 590 16.63 6.20 13.40
C LYS A 590 15.16 5.97 13.77
N ASP A 591 14.43 7.07 13.96
CA ASP A 591 13.03 7.02 14.48
C ASP A 591 12.12 6.49 13.38
N ILE A 592 12.47 6.80 12.10
CA ILE A 592 11.86 6.15 10.95
C ILE A 592 12.22 4.65 10.91
N ALA A 593 13.52 4.33 11.03
CA ALA A 593 13.96 2.92 11.02
C ALA A 593 13.25 2.15 12.14
N ARG A 594 13.21 2.76 13.34
CA ARG A 594 12.61 2.12 14.52
C ARG A 594 11.12 1.85 14.26
N PHE A 595 10.45 2.81 13.61
CA PHE A 595 9.01 2.78 13.25
C PHE A 595 8.74 1.54 12.42
N ASN A 596 9.51 1.34 11.35
CA ASN A 596 9.42 0.14 10.54
C ASN A 596 9.62 -1.09 11.43
N ALA A 597 10.74 -1.12 12.16
CA ALA A 597 11.18 -2.29 12.91
C ALA A 597 10.09 -2.81 13.87
N MET A 598 9.29 -1.90 14.45
CA MET A 598 8.34 -2.26 15.52
C MET A 598 6.88 -2.13 15.07
N LYS A 599 6.61 -1.54 13.89
CA LYS A 599 5.22 -1.12 13.55
C LYS A 599 4.35 -2.35 13.24
N ASP A 600 4.94 -3.52 13.00
CA ASP A 600 4.11 -4.71 12.75
C ASP A 600 3.28 -5.05 14.01
N LYS A 601 3.73 -4.58 15.19
CA LYS A 601 3.15 -4.93 16.52
C LYS A 601 2.35 -3.76 17.12
N ARG A 602 1.88 -2.84 16.26
CA ARG A 602 1.14 -1.61 16.66
C ARG A 602 -0.26 -1.92 17.22
N ASN A 603 -1.03 -2.69 16.45
CA ASN A 603 -2.42 -3.03 16.77
C ASN A 603 -2.54 -3.70 18.14
N ILE A 604 -1.47 -4.38 18.58
CA ILE A 604 -1.49 -5.20 19.77
C ILE A 604 -0.66 -4.53 20.86
N VAL A 605 -1.21 -4.52 22.07
CA VAL A 605 -0.52 -4.00 23.21
C VAL A 605 -0.51 -5.10 24.26
N SER A 606 0.59 -5.18 25.01
CA SER A 606 0.68 -6.06 26.14
C SER A 606 -0.26 -5.52 27.22
N LEU A 607 -0.91 -6.43 27.96
CA LEU A 607 -1.66 -6.03 29.14
C LEU A 607 -0.84 -6.29 30.42
N ASN A 608 0.42 -6.71 30.26
CA ASN A 608 1.36 -6.82 31.37
C ASN A 608 1.82 -5.42 31.81
N TYR A 609 1.54 -5.08 33.07
CA TYR A 609 1.78 -3.74 33.59
C TYR A 609 3.25 -3.34 33.43
N ALA A 610 4.15 -4.24 33.85
CA ALA A 610 5.58 -3.95 33.95
C ALA A 610 6.21 -3.82 32.55
N VAL A 611 5.75 -4.64 31.61
CA VAL A 611 6.17 -4.50 30.20
C VAL A 611 5.83 -3.08 29.74
N ARG A 612 4.59 -2.65 29.98
CA ARG A 612 4.08 -1.35 29.52
C ARG A 612 4.85 -0.22 30.19
N GLU A 613 5.12 -0.36 31.50
CA GLU A 613 5.88 0.64 32.26
C GLU A 613 7.30 0.72 31.71
N LYS A 614 7.86 -0.42 31.27
CA LYS A 614 9.22 -0.51 30.70
C LYS A 614 9.25 0.14 29.32
N GLU A 615 8.21 -0.10 28.50
CA GLU A 615 8.02 0.58 27.19
C GLU A 615 8.07 2.11 27.37
N ASN A 616 7.25 2.62 28.31
CA ASN A 616 7.20 4.05 28.67
C ASN A 616 8.58 4.55 29.16
N ASN A 617 9.21 3.80 30.08
CA ASN A 617 10.52 4.17 30.65
C ASN A 617 11.59 4.27 29.53
N GLU A 618 11.64 3.26 28.65
CA GLU A 618 12.62 3.22 27.55
C GLU A 618 12.38 4.40 26.60
N ASP A 619 11.11 4.76 26.36
CA ASP A 619 10.78 5.96 25.57
C ASP A 619 11.53 7.15 26.17
N ASP A 620 11.30 7.37 27.48
CA ASP A 620 11.71 8.61 28.19
C ASP A 620 13.24 8.74 28.10
N ALA A 621 13.94 7.61 28.32
CA ALA A 621 15.40 7.61 28.28
C ALA A 621 15.84 8.09 26.90
N THR A 622 15.31 7.44 25.85
CA THR A 622 15.61 7.81 24.50
C THR A 622 15.47 9.34 24.34
N ARG A 623 14.30 9.85 24.75
CA ARG A 623 13.94 11.24 24.63
C ARG A 623 14.94 12.16 25.34
N LEU A 624 15.23 11.86 26.63
CA LEU A 624 16.06 12.76 27.47
C LEU A 624 17.47 12.86 26.88
N ALA A 625 18.01 11.73 26.43
CA ALA A 625 19.32 11.67 25.81
C ALA A 625 19.37 12.57 24.57
N ARG A 626 18.32 12.47 23.74
CA ARG A 626 18.21 13.19 22.47
C ARG A 626 18.10 14.71 22.67
N LEU A 627 17.35 15.14 23.69
CA LEU A 627 17.24 16.56 24.01
C LEU A 627 18.58 17.11 24.54
N ASN A 628 19.22 16.41 25.50
CA ASN A 628 20.48 16.88 26.10
C ASN A 628 21.60 16.93 25.05
N GLU A 629 21.63 15.95 24.14
CA GLU A 629 22.57 15.97 23.04
C GLU A 629 22.46 17.30 22.28
N ARG A 630 21.21 17.69 22.03
CA ARG A 630 20.85 18.89 21.31
C ARG A 630 21.42 20.09 22.06
N PHE A 631 21.21 20.08 23.37
CA PHE A 631 21.56 21.21 24.20
C PHE A 631 23.08 21.36 24.25
N LYS A 632 23.80 20.24 24.22
CA LYS A 632 25.25 20.29 24.10
C LYS A 632 25.60 21.22 22.92
N ARG A 633 25.07 20.90 21.73
CA ARG A 633 25.40 21.60 20.46
C ARG A 633 24.84 23.04 20.45
N GLU A 634 23.79 23.27 21.24
CA GLU A 634 23.17 24.57 21.27
C GLU A 634 23.80 25.44 22.38
N GLY A 635 24.67 24.82 23.19
CA GLY A 635 25.41 25.49 24.25
C GLY A 635 24.56 25.72 25.49
N LYS A 636 23.40 25.03 25.55
CA LYS A 636 22.41 25.11 26.63
C LYS A 636 22.88 24.24 27.79
N PRO A 637 22.44 24.57 29.03
CA PRO A 637 22.66 23.69 30.16
C PRO A 637 21.80 22.42 29.99
N GLU A 638 22.32 21.26 30.40
CA GLU A 638 21.66 20.00 30.10
C GLU A 638 20.51 19.79 31.08
N LEU A 639 19.53 18.96 30.65
CA LEU A 639 18.36 18.58 31.45
C LEU A 639 18.77 17.54 32.50
N LYS A 640 18.18 17.68 33.68
CA LYS A 640 18.44 16.78 34.77
C LYS A 640 17.42 15.64 34.69
N LYS A 641 16.19 15.97 34.23
CA LYS A 641 15.04 15.01 34.08
C LYS A 641 14.18 15.37 32.85
N LEU A 642 13.46 14.41 32.23
CA LEU A 642 12.37 14.69 31.15
C LEU A 642 11.13 15.41 31.72
N ASP A 643 10.81 15.10 32.98
CA ASP A 643 9.81 15.82 33.74
C ASP A 643 9.97 17.33 33.48
N ASP A 644 11.22 17.79 33.37
CA ASP A 644 11.59 19.19 33.37
C ASP A 644 11.41 19.93 32.03
N LEU A 645 11.02 19.27 30.94
CA LEU A 645 10.92 20.01 29.66
C LEU A 645 9.92 21.16 29.81
N PRO A 646 10.31 22.44 29.61
CA PRO A 646 9.36 23.55 29.62
C PRO A 646 8.24 23.33 28.59
N LYS A 647 7.00 23.77 28.90
CA LYS A 647 5.80 23.48 28.07
C LYS A 647 5.68 24.52 26.92
N ASP A 648 6.69 25.39 26.77
CA ASP A 648 6.88 26.26 25.61
C ASP A 648 7.87 25.62 24.62
N TYR A 649 8.33 24.38 24.88
CA TYR A 649 9.49 23.83 24.17
C TYR A 649 9.19 23.57 22.69
N GLN A 650 10.03 24.13 21.80
CA GLN A 650 9.90 23.98 20.33
C GLN A 650 11.06 23.12 19.79
N GLU A 651 10.74 22.25 18.84
CA GLU A 651 11.75 21.48 18.09
C GLU A 651 12.50 22.42 17.13
N PRO A 652 13.77 22.15 16.77
CA PRO A 652 14.44 22.86 15.68
C PRO A 652 13.81 22.34 14.39
N ASP A 653 14.19 22.95 13.27
CA ASP A 653 13.57 22.69 12.01
C ASP A 653 14.63 22.17 11.05
N PRO A 654 15.01 20.87 11.13
CA PRO A 654 15.97 20.28 10.19
C PRO A 654 15.64 20.57 8.71
N TYR A 655 14.34 20.55 8.38
CA TYR A 655 13.94 20.57 6.99
C TYR A 655 14.22 21.97 6.44
N LEU A 656 13.83 22.99 7.19
CA LEU A 656 13.99 24.39 6.78
C LEU A 656 15.49 24.65 6.53
N ASP A 657 16.28 24.40 7.59
CA ASP A 657 17.72 24.62 7.59
C ASP A 657 18.27 24.06 6.26
N GLU A 658 18.01 22.77 6.04
CA GLU A 658 18.53 22.04 4.89
C GLU A 658 18.00 22.61 3.57
N THR A 659 16.74 23.05 3.55
CA THR A 659 16.13 23.62 2.37
C THR A 659 16.77 24.95 1.99
N VAL A 660 17.18 25.74 3.01
CA VAL A 660 18.00 27.02 2.86
C VAL A 660 19.27 26.68 2.06
N ASN A 661 19.95 25.61 2.48
CA ASN A 661 21.15 25.07 1.80
C ASN A 661 20.83 24.77 0.32
N ILE A 662 19.73 24.07 0.05
CA ILE A 662 19.39 23.60 -1.29
C ILE A 662 19.14 24.82 -2.17
N ALA A 663 18.39 25.77 -1.60
CA ALA A 663 18.09 27.06 -2.20
C ALA A 663 19.37 27.76 -2.64
N LEU A 664 20.41 27.73 -1.81
CA LEU A 664 21.66 28.48 -2.14
C LEU A 664 22.46 27.73 -3.21
N ASP A 665 22.44 26.39 -3.16
CA ASP A 665 23.05 25.54 -4.18
C ASP A 665 22.48 25.94 -5.54
N LEU A 666 21.14 26.01 -5.55
CA LEU A 666 20.37 26.26 -6.73
C LEU A 666 20.74 27.65 -7.28
N ALA A 667 20.92 28.62 -6.40
CA ALA A 667 21.24 29.95 -6.81
C ALA A 667 22.60 29.97 -7.51
N LYS A 668 23.57 29.25 -6.93
CA LYS A 668 24.90 29.03 -7.47
C LYS A 668 24.83 28.39 -8.86
N LEU A 669 24.00 27.33 -9.01
CA LEU A 669 23.80 26.59 -10.28
C LEU A 669 23.22 27.48 -11.39
N GLU A 670 22.83 28.72 -11.03
CA GLU A 670 22.32 29.70 -11.95
C GLU A 670 22.63 31.10 -11.43
N THR B 27 1.78 -11.34 -45.36
CA THR B 27 0.42 -10.95 -44.90
C THR B 27 0.26 -9.45 -45.04
N ARG B 28 -0.67 -8.96 -45.87
CA ARG B 28 -1.06 -7.54 -45.77
C ARG B 28 -2.56 -7.37 -45.73
N ALA B 29 -3.33 -8.32 -45.28
CA ALA B 29 -4.71 -8.08 -45.33
C ALA B 29 -5.39 -8.94 -44.27
N ASP B 30 -6.68 -9.20 -44.51
CA ASP B 30 -7.55 -10.02 -43.69
C ASP B 30 -7.47 -11.48 -44.14
N GLN B 31 -6.23 -11.97 -44.33
CA GLN B 31 -5.83 -13.38 -44.69
C GLN B 31 -5.74 -14.30 -43.45
N ILE B 32 -6.31 -13.85 -42.34
CA ILE B 32 -6.09 -14.47 -41.03
C ILE B 32 -7.38 -15.22 -40.67
N PRO B 33 -7.31 -16.54 -40.45
CA PRO B 33 -8.50 -17.30 -40.05
C PRO B 33 -9.21 -16.58 -38.90
N VAL B 34 -10.52 -16.35 -39.10
CA VAL B 34 -11.46 -16.09 -38.00
C VAL B 34 -11.50 -17.37 -37.14
N LEU B 35 -11.11 -17.27 -35.88
CA LEU B 35 -10.90 -18.48 -35.12
C LEU B 35 -12.29 -18.93 -34.67
N LYS B 36 -12.48 -20.24 -34.57
CA LYS B 36 -13.78 -20.78 -34.32
C LYS B 36 -13.70 -21.75 -33.13
N GLU B 37 -14.62 -21.60 -32.18
CA GLU B 37 -14.69 -22.60 -31.12
C GLU B 37 -14.96 -23.97 -31.77
N GLU B 38 -14.27 -25.01 -31.25
CA GLU B 38 -14.36 -26.40 -31.69
C GLU B 38 -15.52 -27.10 -30.98
N THR B 39 -15.76 -28.33 -31.42
CA THR B 39 -16.71 -29.29 -30.90
C THR B 39 -16.65 -29.41 -29.38
N GLN B 40 -15.46 -29.79 -28.86
CA GLN B 40 -15.29 -30.31 -27.52
C GLN B 40 -15.30 -29.14 -26.52
N HIS B 41 -14.93 -27.94 -27.02
CA HIS B 41 -14.87 -26.76 -26.19
C HIS B 41 -16.15 -26.64 -25.37
N ALA B 42 -17.32 -26.78 -25.99
CA ALA B 42 -18.52 -26.53 -25.23
C ALA B 42 -18.53 -27.38 -23.95
N THR B 43 -18.15 -28.66 -24.05
CA THR B 43 -18.23 -29.53 -22.88
C THR B 43 -17.16 -29.15 -21.87
N VAL B 44 -15.95 -28.81 -22.36
CA VAL B 44 -14.89 -28.51 -21.45
C VAL B 44 -15.37 -27.39 -20.52
N SER B 45 -15.84 -26.30 -21.14
CA SER B 45 -16.47 -25.15 -20.44
C SER B 45 -17.50 -25.63 -19.40
N GLU B 46 -18.35 -26.57 -19.78
CA GLU B 46 -19.35 -27.06 -18.85
C GLU B 46 -18.62 -27.63 -17.62
N ARG B 47 -17.53 -28.35 -17.91
CA ARG B 47 -16.89 -29.23 -16.93
C ARG B 47 -16.04 -28.36 -16.00
N VAL B 48 -15.32 -27.42 -16.64
CA VAL B 48 -14.51 -26.35 -16.01
C VAL B 48 -15.38 -25.57 -15.01
N THR B 49 -16.53 -25.09 -15.49
CA THR B 49 -17.49 -24.24 -14.75
C THR B 49 -18.09 -25.05 -13.59
N SER B 50 -18.40 -26.33 -13.83
CA SER B 50 -18.77 -27.18 -12.72
C SER B 50 -17.75 -27.07 -11.57
N ARG B 51 -16.48 -27.31 -11.89
CA ARG B 51 -15.47 -27.61 -10.87
C ARG B 51 -15.17 -26.34 -10.09
N PHE B 52 -14.96 -25.23 -10.81
CA PHE B 52 -14.70 -23.98 -10.15
C PHE B 52 -15.87 -23.60 -9.26
N THR B 53 -17.07 -23.61 -9.82
CA THR B 53 -18.24 -23.11 -9.12
C THR B 53 -18.47 -23.89 -7.83
N ARG B 54 -18.37 -25.22 -7.92
CA ARG B 54 -18.78 -26.08 -6.82
C ARG B 54 -17.63 -26.36 -5.85
N SER B 55 -16.40 -26.56 -6.38
CA SER B 55 -15.34 -27.25 -5.62
C SER B 55 -14.17 -26.31 -5.24
N HIS B 56 -14.15 -25.09 -5.79
CA HIS B 56 -13.15 -24.07 -5.44
C HIS B 56 -13.24 -23.75 -3.94
N TYR B 57 -12.08 -23.54 -3.30
CA TYR B 57 -12.07 -23.27 -1.88
C TYR B 57 -12.99 -22.08 -1.60
N ARG B 58 -12.84 -21.02 -2.41
CA ARG B 58 -13.65 -19.80 -2.35
C ARG B 58 -15.10 -20.08 -2.79
N GLN B 59 -16.02 -19.99 -1.82
CA GLN B 59 -17.46 -20.16 -2.02
C GLN B 59 -18.02 -18.90 -2.71
N PHE B 60 -18.30 -19.01 -4.02
CA PHE B 60 -18.75 -17.88 -4.86
C PHE B 60 -19.96 -18.28 -5.76
N ASP B 61 -20.76 -17.26 -6.13
CA ASP B 61 -21.88 -17.41 -7.08
C ASP B 61 -21.47 -16.81 -8.41
N LEU B 62 -21.45 -17.62 -9.46
CA LEU B 62 -21.12 -17.15 -10.86
C LEU B 62 -22.37 -16.44 -11.42
N ASP B 63 -22.59 -15.20 -10.96
CA ASP B 63 -23.76 -14.44 -11.33
C ASP B 63 -23.33 -13.37 -12.34
N GLN B 64 -24.25 -12.46 -12.62
CA GLN B 64 -24.04 -11.44 -13.62
C GLN B 64 -22.88 -10.53 -13.18
N ALA B 65 -22.91 -10.10 -11.91
CA ALA B 65 -21.90 -9.17 -11.34
C ALA B 65 -20.50 -9.77 -11.48
N PHE B 66 -20.39 -11.04 -11.08
CA PHE B 66 -19.17 -11.82 -11.20
C PHE B 66 -18.69 -11.77 -12.66
N SER B 67 -19.64 -12.04 -13.56
CA SER B 67 -19.44 -12.07 -14.98
C SER B 67 -18.84 -10.74 -15.46
N ALA B 68 -19.35 -9.64 -14.91
CA ALA B 68 -18.89 -8.30 -15.28
C ALA B 68 -17.39 -8.13 -14.99
N LYS B 69 -16.94 -8.55 -13.80
CA LYS B 69 -15.50 -8.48 -13.43
C LYS B 69 -14.65 -9.38 -14.34
N ILE B 70 -15.13 -10.60 -14.63
CA ILE B 70 -14.48 -11.48 -15.61
C ILE B 70 -14.27 -10.67 -16.90
N PHE B 71 -15.37 -10.10 -17.39
CA PHE B 71 -15.37 -9.38 -18.65
C PHE B 71 -14.18 -8.42 -18.65
N ASP B 72 -14.09 -7.60 -17.60
CA ASP B 72 -13.06 -6.57 -17.49
C ASP B 72 -11.69 -7.25 -17.57
N ARG B 73 -11.49 -8.31 -16.77
CA ARG B 73 -10.26 -9.12 -16.76
C ARG B 73 -9.93 -9.57 -18.19
N TYR B 74 -10.91 -10.12 -18.90
CA TYR B 74 -10.67 -10.74 -20.20
C TYR B 74 -10.27 -9.67 -21.22
N LEU B 75 -11.07 -8.60 -21.29
CA LEU B 75 -10.82 -7.53 -22.26
C LEU B 75 -9.39 -7.03 -22.06
N ASN B 76 -9.04 -6.81 -20.79
CA ASN B 76 -7.74 -6.26 -20.39
C ASN B 76 -6.62 -7.24 -20.80
N LEU B 77 -6.90 -8.55 -20.76
CA LEU B 77 -5.97 -9.61 -21.25
C LEU B 77 -5.69 -9.42 -22.74
N LEU B 78 -6.74 -9.20 -23.54
CA LEU B 78 -6.62 -8.98 -24.98
C LEU B 78 -5.68 -7.78 -25.26
N ASP B 79 -5.77 -6.74 -24.41
CA ASP B 79 -5.01 -5.50 -24.59
C ASP B 79 -4.64 -4.90 -23.24
N TYR B 80 -3.69 -5.54 -22.57
CA TYR B 80 -3.09 -5.12 -21.30
C TYR B 80 -2.62 -3.67 -21.39
N SER B 81 -2.02 -3.31 -22.54
CA SER B 81 -1.38 -2.00 -22.77
C SER B 81 -2.36 -0.94 -23.30
N HIS B 82 -3.62 -1.31 -23.54
CA HIS B 82 -4.64 -0.38 -24.06
C HIS B 82 -4.05 0.38 -25.24
N ASN B 83 -3.33 -0.32 -26.14
CA ASN B 83 -2.69 0.26 -27.33
C ASN B 83 -3.08 -0.56 -28.57
N VAL B 84 -4.32 -1.07 -28.58
CA VAL B 84 -4.85 -1.84 -29.76
C VAL B 84 -6.30 -1.39 -30.04
N LEU B 85 -7.18 -1.66 -29.07
CA LEU B 85 -8.64 -1.58 -29.21
C LEU B 85 -9.14 -0.15 -29.07
N LEU B 86 -10.15 0.20 -29.87
CA LEU B 86 -10.83 1.51 -29.80
C LEU B 86 -12.01 1.40 -28.84
N ALA B 87 -12.24 2.46 -28.06
CA ALA B 87 -13.41 2.59 -27.17
C ALA B 87 -14.71 2.41 -27.97
N SER B 88 -14.67 2.78 -29.25
CA SER B 88 -15.72 2.50 -30.25
C SER B 88 -16.11 1.01 -30.21
N ASP B 89 -15.09 0.17 -30.39
CA ASP B 89 -15.16 -1.30 -30.40
C ASP B 89 -15.65 -1.78 -29.02
N VAL B 90 -15.06 -1.20 -27.97
CA VAL B 90 -15.20 -1.62 -26.57
C VAL B 90 -16.68 -1.60 -26.17
N GLU B 91 -17.40 -0.53 -26.53
CA GLU B 91 -18.78 -0.35 -26.11
C GLU B 91 -19.67 -1.38 -26.81
N GLN B 92 -19.33 -1.68 -28.08
CA GLN B 92 -20.13 -2.60 -28.91
C GLN B 92 -20.32 -3.91 -28.16
N PHE B 93 -19.25 -4.38 -27.52
CA PHE B 93 -19.21 -5.66 -26.82
C PHE B 93 -19.57 -5.47 -25.33
N ALA B 94 -19.29 -4.28 -24.78
CA ALA B 94 -19.45 -4.01 -23.34
C ALA B 94 -20.93 -4.08 -22.93
N LYS B 95 -21.87 -3.82 -23.86
CA LYS B 95 -23.32 -4.00 -23.56
C LYS B 95 -23.66 -5.49 -23.34
N LYS B 96 -22.74 -6.39 -23.76
CA LYS B 96 -22.80 -7.85 -23.58
C LYS B 96 -21.73 -8.30 -22.56
N LYS B 97 -21.86 -7.91 -21.28
CA LYS B 97 -20.83 -8.27 -20.29
C LYS B 97 -21.42 -9.13 -19.16
N THR B 98 -22.67 -8.90 -18.75
CA THR B 98 -23.29 -9.80 -17.76
C THR B 98 -23.79 -11.11 -18.42
N GLU B 99 -23.66 -11.21 -19.76
CA GLU B 99 -23.99 -12.43 -20.58
C GLU B 99 -23.08 -13.63 -20.24
N LEU B 100 -21.81 -13.34 -19.88
CA LEU B 100 -20.74 -14.34 -19.79
C LEU B 100 -21.06 -15.45 -18.77
N GLY B 101 -21.78 -15.10 -17.70
CA GLY B 101 -22.19 -16.08 -16.68
C GLY B 101 -22.88 -17.28 -17.29
N ASP B 102 -24.02 -17.03 -17.93
CA ASP B 102 -24.81 -18.06 -18.61
C ASP B 102 -23.98 -18.75 -19.68
N GLU B 103 -23.18 -17.95 -20.40
CA GLU B 103 -22.43 -18.43 -21.54
C GLU B 103 -21.47 -19.54 -21.11
N LEU B 104 -20.70 -19.29 -20.03
CA LEU B 104 -19.73 -20.29 -19.56
C LEU B 104 -20.46 -21.57 -19.16
N ARG B 105 -21.61 -21.40 -18.49
CA ARG B 105 -22.38 -22.49 -17.92
C ARG B 105 -22.91 -23.41 -19.03
N SER B 106 -23.48 -22.81 -20.08
CA SER B 106 -24.13 -23.54 -21.16
C SER B 106 -23.16 -23.80 -22.31
N GLY B 107 -21.89 -23.42 -22.13
CA GLY B 107 -20.81 -23.84 -23.04
C GLY B 107 -20.84 -23.07 -24.35
N LYS B 108 -21.38 -21.85 -24.24
CA LYS B 108 -21.76 -20.99 -25.37
C LYS B 108 -20.78 -19.81 -25.41
N LEU B 109 -19.76 -19.88 -26.27
CA LEU B 109 -18.47 -19.21 -25.96
C LEU B 109 -18.10 -18.08 -26.93
N ASP B 110 -19.10 -17.62 -27.68
CA ASP B 110 -18.81 -16.92 -28.93
C ASP B 110 -18.48 -15.44 -28.64
N VAL B 111 -18.99 -14.88 -27.51
CA VAL B 111 -18.62 -13.49 -27.16
C VAL B 111 -17.10 -13.34 -27.03
N PHE B 112 -16.47 -14.32 -26.36
CA PHE B 112 -15.00 -14.40 -26.19
C PHE B 112 -14.31 -14.47 -27.55
N TYR B 113 -14.85 -15.27 -28.48
CA TYR B 113 -14.23 -15.50 -29.81
C TYR B 113 -14.34 -14.25 -30.70
N ASP B 114 -15.50 -13.57 -30.65
CA ASP B 114 -15.76 -12.38 -31.50
C ASP B 114 -14.93 -11.19 -31.02
N LEU B 115 -14.85 -11.03 -29.69
CA LEU B 115 -13.90 -10.07 -29.05
C LEU B 115 -12.44 -10.44 -29.34
N TYR B 116 -12.11 -11.75 -29.36
CA TYR B 116 -10.75 -12.21 -29.63
C TYR B 116 -10.37 -11.96 -31.10
N ASN B 117 -11.34 -12.17 -32.01
CA ASN B 117 -11.12 -12.02 -33.44
C ASN B 117 -10.93 -10.53 -33.75
N LEU B 118 -11.74 -9.70 -33.08
CA LEU B 118 -11.41 -8.28 -32.85
C LEU B 118 -10.15 -8.21 -31.97
N ALA B 119 -9.23 -7.30 -32.28
CA ALA B 119 -7.96 -7.27 -31.57
C ALA B 119 -7.05 -8.41 -32.01
N GLN B 120 -7.43 -9.13 -33.06
CA GLN B 120 -6.45 -9.92 -33.83
C GLN B 120 -6.34 -9.07 -35.07
N LYS B 121 -7.52 -8.53 -35.44
CA LYS B 121 -7.65 -7.60 -36.54
C LYS B 121 -7.04 -6.25 -36.14
N ARG B 122 -7.37 -5.72 -34.97
CA ARG B 122 -6.81 -4.42 -34.56
C ARG B 122 -5.31 -4.53 -34.23
N ARG B 123 -4.85 -5.66 -33.66
CA ARG B 123 -3.40 -5.81 -33.42
C ARG B 123 -2.69 -5.65 -34.78
N PHE B 124 -3.33 -6.17 -35.84
CA PHE B 124 -2.73 -6.13 -37.14
C PHE B 124 -2.67 -4.67 -37.65
N GLU B 125 -3.73 -3.89 -37.40
CA GLU B 125 -3.76 -2.44 -37.74
C GLU B 125 -2.49 -1.81 -37.19
N ARG B 126 -2.19 -2.12 -35.93
CA ARG B 126 -1.08 -1.51 -35.22
C ARG B 126 0.24 -1.85 -35.95
N TYR B 127 0.44 -3.13 -36.27
CA TYR B 127 1.72 -3.58 -36.83
C TYR B 127 1.90 -2.99 -38.24
N GLN B 128 0.81 -2.89 -39.00
CA GLN B 128 0.85 -2.28 -40.33
C GLN B 128 1.41 -0.87 -40.19
N TYR B 129 0.78 -0.08 -39.31
CA TYR B 129 1.17 1.30 -39.11
C TYR B 129 2.60 1.37 -38.57
N ALA B 130 2.93 0.50 -37.61
CA ALA B 130 4.23 0.49 -36.87
C ALA B 130 5.42 0.21 -37.80
N LEU B 131 5.25 -0.67 -38.79
CA LEU B 131 6.32 -0.94 -39.79
C LEU B 131 6.62 0.33 -40.61
N SER B 132 5.55 1.05 -40.98
CA SER B 132 5.63 2.37 -41.65
C SER B 132 6.48 3.33 -40.80
N VAL B 133 6.09 3.47 -39.53
CA VAL B 133 6.70 4.40 -38.61
C VAL B 133 8.21 4.08 -38.48
N LEU B 134 8.56 2.79 -38.55
CA LEU B 134 9.96 2.34 -38.38
C LEU B 134 10.85 3.03 -39.41
N GLU B 135 10.34 3.11 -40.64
CA GLU B 135 11.05 3.73 -41.77
C GLU B 135 11.37 5.20 -41.45
N LYS B 136 10.38 5.87 -40.85
CA LYS B 136 10.37 7.33 -40.66
C LYS B 136 11.55 7.69 -39.75
N PRO B 137 12.28 8.80 -40.03
CA PRO B 137 13.51 9.11 -39.30
C PRO B 137 13.17 9.58 -37.89
N MET B 138 13.98 9.13 -36.93
CA MET B 138 13.88 9.56 -35.57
C MET B 138 15.31 9.82 -35.06
N ASP B 139 15.44 10.95 -34.35
CA ASP B 139 16.56 11.28 -33.51
C ASP B 139 16.02 11.42 -32.07
N PHE B 140 16.91 11.20 -31.11
CA PHE B 140 16.58 11.01 -29.68
C PHE B 140 17.08 12.21 -28.87
N THR B 141 16.96 13.40 -29.47
CA THR B 141 17.62 14.62 -28.98
C THR B 141 16.64 15.42 -28.10
N GLY B 142 15.33 15.22 -28.32
CA GLY B 142 14.32 15.92 -27.59
C GLY B 142 14.50 15.76 -26.09
N ASN B 143 13.43 16.12 -25.37
CA ASN B 143 13.18 15.76 -23.97
C ASN B 143 11.78 15.15 -23.91
N ASP B 144 11.59 14.07 -24.67
CA ASP B 144 10.32 13.30 -24.66
C ASP B 144 10.46 12.12 -23.70
N THR B 145 9.31 11.58 -23.27
CA THR B 145 9.27 10.55 -22.21
C THR B 145 8.27 9.46 -22.61
N TYR B 146 8.34 8.31 -21.92
CA TYR B 146 7.56 7.12 -22.28
C TYR B 146 7.10 6.36 -21.03
N ASN B 147 5.79 6.10 -20.96
CA ASN B 147 5.13 5.42 -19.84
C ASN B 147 5.12 3.92 -20.11
N LEU B 148 5.59 3.13 -19.15
CA LEU B 148 5.73 1.67 -19.31
C LEU B 148 4.47 0.93 -18.78
N ASP B 149 3.56 1.67 -18.12
CA ASP B 149 2.32 1.11 -17.53
C ASP B 149 1.12 1.87 -18.11
N ARG B 150 0.49 1.29 -19.13
CA ARG B 150 -0.85 1.73 -19.60
C ARG B 150 -1.93 0.76 -19.11
N SER B 151 -1.63 -0.08 -18.10
CA SER B 151 -2.69 -0.83 -17.43
C SER B 151 -3.53 0.15 -16.59
N LYS B 152 -2.92 1.28 -16.18
CA LYS B 152 -3.59 2.46 -15.59
C LYS B 152 -3.80 3.48 -16.71
N ALA B 153 -4.62 3.05 -17.67
CA ALA B 153 -5.14 3.89 -18.75
C ALA B 153 -6.57 3.45 -19.05
N PRO B 154 -7.48 4.37 -19.47
CA PRO B 154 -8.76 3.98 -20.04
C PRO B 154 -8.56 3.73 -21.54
N TRP B 155 -9.67 3.37 -22.19
CA TRP B 155 -9.65 2.86 -23.56
C TRP B 155 -9.48 4.03 -24.53
N PRO B 156 -8.51 3.95 -25.48
CA PRO B 156 -8.35 5.02 -26.46
C PRO B 156 -9.63 5.19 -27.28
N LYS B 157 -9.86 6.40 -27.78
CA LYS B 157 -11.14 6.79 -28.32
C LYS B 157 -11.15 6.68 -29.85
N ASN B 158 -9.98 6.79 -30.51
CA ASN B 158 -9.96 7.03 -31.95
C ASN B 158 -8.60 6.64 -32.58
N GLU B 159 -8.57 6.64 -33.92
CA GLU B 159 -7.42 6.16 -34.71
C GLU B 159 -6.20 7.05 -34.46
N ALA B 160 -6.41 8.35 -34.26
CA ALA B 160 -5.32 9.32 -34.06
C ALA B 160 -4.51 8.96 -32.81
N GLU B 161 -5.24 8.70 -31.72
CA GLU B 161 -4.67 8.40 -30.41
C GLU B 161 -3.79 7.14 -30.53
N LEU B 162 -4.32 6.13 -31.23
CA LEU B 162 -3.62 4.87 -31.45
C LEU B 162 -2.29 5.17 -32.16
N ASN B 163 -2.32 6.04 -33.19
CA ASN B 163 -1.12 6.39 -33.95
C ASN B 163 -0.06 7.01 -33.03
N ALA B 164 -0.50 7.91 -32.13
CA ALA B 164 0.40 8.58 -31.15
C ALA B 164 1.04 7.56 -30.19
N LEU B 165 0.20 6.69 -29.62
CA LEU B 165 0.63 5.59 -28.73
C LEU B 165 1.69 4.71 -29.40
N TRP B 166 1.46 4.32 -30.66
CA TRP B 166 2.34 3.38 -31.32
C TRP B 166 3.58 4.07 -31.91
N ASP B 167 3.44 5.35 -32.25
CA ASP B 167 4.61 6.18 -32.59
C ASP B 167 5.61 6.06 -31.44
N SER B 168 5.11 6.21 -30.20
CA SER B 168 5.93 6.18 -28.97
C SER B 168 6.62 4.82 -28.81
N LYS B 169 5.85 3.74 -29.03
CA LYS B 169 6.27 2.37 -28.82
C LYS B 169 7.49 2.08 -29.72
N VAL B 170 7.36 2.44 -30.99
CA VAL B 170 8.42 2.11 -31.92
C VAL B 170 9.68 2.89 -31.49
N LYS B 171 9.54 4.18 -31.15
CA LYS B 171 10.71 4.99 -30.79
C LYS B 171 11.38 4.33 -29.58
N PHE B 172 10.58 3.82 -28.64
CA PHE B 172 11.15 3.24 -27.41
C PHE B 172 11.98 2.00 -27.77
N ASP B 173 11.42 1.13 -28.60
CA ASP B 173 12.11 -0.10 -29.04
C ASP B 173 13.45 0.27 -29.72
N GLU B 174 13.42 1.23 -30.67
CA GLU B 174 14.62 1.70 -31.42
C GLU B 174 15.77 2.07 -30.46
N LEU B 175 15.43 2.85 -29.42
CA LEU B 175 16.37 3.42 -28.46
C LEU B 175 17.02 2.32 -27.61
N SER B 176 16.21 1.37 -27.13
CA SER B 176 16.67 0.23 -26.33
C SER B 176 17.84 -0.47 -27.03
N LEU B 177 17.71 -0.65 -28.34
CA LEU B 177 18.71 -1.32 -29.12
C LEU B 177 19.90 -0.37 -29.40
N LYS B 178 19.64 0.92 -29.63
CA LYS B 178 20.74 1.91 -29.84
C LYS B 178 21.67 1.92 -28.63
N LEU B 179 21.10 1.80 -27.42
CA LEU B 179 21.84 1.77 -26.15
C LEU B 179 22.61 0.45 -25.95
N THR B 180 22.24 -0.64 -26.65
CA THR B 180 23.06 -1.88 -26.66
C THR B 180 24.10 -1.82 -27.80
N GLY B 181 24.19 -0.67 -28.51
CA GLY B 181 25.30 -0.35 -29.41
C GLY B 181 24.98 -0.54 -30.89
N LYS B 182 23.68 -0.64 -31.23
CA LYS B 182 23.23 -0.95 -32.59
C LYS B 182 23.11 0.36 -33.39
N THR B 183 23.42 0.23 -34.70
CA THR B 183 23.29 1.31 -35.68
C THR B 183 21.84 1.45 -36.17
N ASP B 184 21.54 2.57 -36.82
CA ASP B 184 20.19 2.80 -37.30
C ASP B 184 19.77 1.63 -38.20
N LYS B 185 20.67 1.17 -39.06
CA LYS B 185 20.37 0.10 -40.03
C LYS B 185 19.94 -1.15 -39.27
N GLU B 186 20.82 -1.66 -38.41
CA GLU B 186 20.63 -2.97 -37.80
C GLU B 186 19.53 -2.89 -36.74
N ILE B 187 19.20 -1.67 -36.29
CA ILE B 187 18.04 -1.46 -35.41
C ILE B 187 16.75 -1.72 -36.20
N ARG B 188 16.69 -1.18 -37.41
CA ARG B 188 15.52 -1.35 -38.27
C ARG B 188 15.46 -2.79 -38.78
N GLU B 189 16.61 -3.47 -38.91
CA GLU B 189 16.67 -4.91 -39.27
C GLU B 189 16.04 -5.76 -38.15
N THR B 190 16.57 -5.58 -36.93
CA THR B 190 16.23 -6.40 -35.77
C THR B 190 14.75 -6.24 -35.41
N LEU B 191 14.30 -4.98 -35.33
CA LEU B 191 12.95 -4.70 -34.94
C LEU B 191 12.00 -5.24 -36.00
N THR B 192 12.37 -5.10 -37.28
CA THR B 192 11.58 -5.57 -38.42
C THR B 192 11.31 -7.09 -38.26
N ARG B 193 12.37 -7.87 -37.98
CA ARG B 193 12.29 -9.34 -37.73
C ARG B 193 11.23 -9.61 -36.66
N ARG B 194 11.36 -8.93 -35.51
CA ARG B 194 10.46 -9.13 -34.39
C ARG B 194 9.01 -8.85 -34.83
N TYR B 195 8.82 -7.78 -35.60
CA TYR B 195 7.49 -7.33 -35.94
C TYR B 195 6.87 -8.34 -36.92
N LYS B 196 7.66 -8.82 -37.91
CA LYS B 196 7.21 -9.85 -38.87
C LYS B 196 6.70 -11.07 -38.10
N PHE B 197 7.54 -11.50 -37.15
CA PHE B 197 7.25 -12.66 -36.34
C PHE B 197 5.90 -12.44 -35.63
N ALA B 198 5.70 -11.22 -35.12
CA ALA B 198 4.48 -10.85 -34.41
C ALA B 198 3.26 -11.01 -35.32
N ILE B 199 3.39 -10.56 -36.58
CA ILE B 199 2.32 -10.71 -37.60
C ILE B 199 2.11 -12.20 -37.90
N ARG B 200 3.22 -12.91 -38.20
CA ARG B 200 3.15 -14.37 -38.46
C ARG B 200 2.39 -15.06 -37.33
N ARG B 201 2.89 -14.83 -36.10
CA ARG B 201 2.38 -15.46 -34.91
C ARG B 201 0.89 -15.14 -34.81
N LEU B 202 0.52 -13.88 -35.04
CA LEU B 202 -0.87 -13.47 -34.94
C LEU B 202 -1.77 -14.48 -35.66
N ALA B 203 -1.37 -14.87 -36.88
CA ALA B 203 -2.07 -15.91 -37.68
C ALA B 203 -1.77 -17.34 -37.18
N GLN B 204 -0.57 -17.61 -36.63
CA GLN B 204 -0.17 -18.95 -36.03
C GLN B 204 -1.15 -19.40 -34.91
N THR B 205 -1.85 -18.45 -34.29
CA THR B 205 -2.62 -18.71 -33.07
C THR B 205 -3.91 -19.44 -33.48
N ASN B 206 -4.58 -20.16 -32.57
CA ASN B 206 -5.57 -21.14 -32.95
C ASN B 206 -6.66 -21.23 -31.90
N SER B 207 -7.57 -22.20 -32.04
CA SER B 207 -8.85 -22.26 -31.31
C SER B 207 -8.63 -22.46 -29.81
N GLU B 208 -7.69 -23.37 -29.52
CA GLU B 208 -7.36 -23.76 -28.16
C GLU B 208 -6.77 -22.54 -27.46
N ASP B 209 -5.90 -21.79 -28.18
CA ASP B 209 -5.29 -20.53 -27.69
C ASP B 209 -6.38 -19.56 -27.21
N VAL B 210 -7.46 -19.40 -27.99
CA VAL B 210 -8.53 -18.49 -27.65
C VAL B 210 -9.22 -18.98 -26.39
N PHE B 211 -9.61 -20.26 -26.46
CA PHE B 211 -10.42 -20.90 -25.44
C PHE B 211 -9.70 -20.80 -24.09
N SER B 212 -8.40 -21.14 -24.12
CA SER B 212 -7.51 -21.05 -22.97
C SER B 212 -7.71 -19.68 -22.34
N LEU B 213 -7.63 -18.66 -23.18
CA LEU B 213 -7.63 -17.29 -22.72
C LEU B 213 -8.98 -16.97 -22.05
N ALA B 214 -10.06 -17.50 -22.61
CA ALA B 214 -11.35 -17.32 -22.00
C ALA B 214 -11.32 -17.98 -20.61
N MET B 215 -10.77 -19.18 -20.56
CA MET B 215 -10.75 -19.89 -19.34
C MET B 215 -9.88 -19.10 -18.33
N THR B 216 -8.74 -18.62 -18.80
CA THR B 216 -7.78 -17.79 -18.06
C THR B 216 -8.53 -16.63 -17.33
N ALA B 217 -9.42 -15.92 -18.06
CA ALA B 217 -10.27 -14.82 -17.53
C ALA B 217 -11.18 -15.33 -16.40
N PHE B 218 -11.80 -16.50 -16.62
CA PHE B 218 -12.69 -17.06 -15.60
C PHE B 218 -11.89 -17.51 -14.38
N ALA B 219 -10.81 -18.26 -14.65
CA ALA B 219 -9.98 -18.84 -13.62
C ALA B 219 -9.38 -17.73 -12.73
N ARG B 220 -8.76 -16.75 -13.39
CA ARG B 220 -7.97 -15.74 -12.74
C ARG B 220 -8.85 -14.78 -11.92
N GLU B 221 -10.14 -14.66 -12.28
CA GLU B 221 -11.07 -13.83 -11.48
C GLU B 221 -11.42 -14.47 -10.11
N ILE B 222 -11.26 -15.79 -9.95
CA ILE B 222 -11.57 -16.43 -8.66
C ILE B 222 -10.37 -16.20 -7.73
N ASP B 223 -9.16 -16.51 -8.23
CA ASP B 223 -7.90 -16.10 -7.57
C ASP B 223 -6.75 -16.24 -8.57
N PRO B 224 -5.55 -15.69 -8.27
CA PRO B 224 -4.46 -15.64 -9.25
C PRO B 224 -3.62 -16.93 -9.30
N HIS B 225 -4.04 -17.98 -8.57
CA HIS B 225 -3.38 -19.29 -8.60
C HIS B 225 -4.29 -20.38 -9.21
N THR B 226 -5.48 -19.99 -9.70
CA THR B 226 -6.43 -20.89 -10.38
C THR B 226 -6.25 -20.75 -11.89
N ASN B 227 -6.44 -21.82 -12.66
CA ASN B 227 -5.75 -21.92 -13.95
C ASN B 227 -6.34 -23.00 -14.85
N TYR B 228 -6.13 -22.86 -16.18
CA TYR B 228 -6.54 -23.90 -17.17
C TYR B 228 -5.31 -24.27 -17.99
N LEU B 229 -5.04 -25.58 -18.09
CA LEU B 229 -3.90 -26.10 -18.77
C LEU B 229 -4.39 -26.93 -19.97
N SER B 230 -4.18 -26.32 -21.15
CA SER B 230 -4.43 -26.88 -22.46
C SER B 230 -3.84 -28.27 -22.59
N PRO B 231 -4.54 -29.19 -23.29
CA PRO B 231 -4.09 -30.55 -23.49
C PRO B 231 -2.76 -30.60 -24.26
N ARG B 232 -1.96 -31.60 -23.90
CA ARG B 232 -0.84 -32.05 -24.68
C ARG B 232 -1.52 -32.87 -25.79
N ASN B 233 -0.79 -33.79 -26.47
CA ASN B 233 -1.43 -34.86 -27.34
C ASN B 233 -0.38 -35.95 -27.66
N THR B 234 -0.60 -36.70 -28.75
CA THR B 234 0.44 -37.38 -29.54
C THR B 234 1.82 -36.70 -29.45
N GLU B 235 1.82 -35.44 -29.81
CA GLU B 235 3.03 -34.75 -30.16
C GLU B 235 3.97 -34.87 -28.96
N GLN B 236 3.44 -34.59 -27.77
CA GLN B 236 4.25 -34.59 -26.55
C GLN B 236 4.83 -36.01 -26.38
N PHE B 237 3.98 -37.02 -26.67
CA PHE B 237 4.28 -38.38 -26.48
C PHE B 237 5.61 -38.72 -27.15
N ASN B 238 5.86 -38.37 -28.41
CA ASN B 238 7.16 -38.82 -29.05
C ASN B 238 8.34 -38.05 -28.45
N THR B 239 8.02 -36.83 -28.05
CA THR B 239 9.00 -35.95 -27.57
C THR B 239 9.66 -36.57 -26.34
N GLU B 240 8.81 -36.99 -25.39
CA GLU B 240 9.22 -37.53 -24.06
C GLU B 240 9.03 -39.06 -24.06
N MET B 241 9.10 -39.75 -25.22
CA MET B 241 9.50 -41.18 -25.15
C MET B 241 10.98 -41.25 -24.73
N SER B 242 11.73 -40.19 -25.04
CA SER B 242 13.02 -39.91 -24.33
C SER B 242 12.86 -39.45 -22.83
N LEU B 243 13.29 -40.33 -21.89
CA LEU B 243 13.34 -40.10 -20.44
C LEU B 243 14.74 -39.63 -20.09
N SER B 244 15.00 -38.95 -18.92
CA SER B 244 14.05 -38.57 -17.87
C SER B 244 14.13 -37.06 -17.61
N LEU B 245 13.04 -36.38 -18.07
CA LEU B 245 12.76 -34.89 -18.35
C LEU B 245 13.90 -34.17 -19.09
N GLU B 246 13.69 -32.86 -19.21
CA GLU B 246 14.36 -31.90 -20.11
C GLU B 246 13.68 -30.54 -19.78
N GLY B 247 14.24 -29.38 -20.10
CA GLY B 247 13.77 -28.19 -19.32
C GLY B 247 14.75 -27.80 -18.22
N ILE B 248 14.46 -26.68 -17.53
CA ILE B 248 15.53 -25.85 -16.80
C ILE B 248 15.20 -25.60 -15.32
N GLY B 249 14.23 -26.34 -14.78
CA GLY B 249 13.81 -26.21 -13.38
C GLY B 249 13.32 -24.80 -13.09
N ALA B 250 12.69 -24.21 -14.10
CA ALA B 250 12.03 -22.94 -13.97
C ALA B 250 10.57 -23.10 -14.42
N VAL B 251 9.71 -22.38 -13.72
CA VAL B 251 8.33 -22.40 -13.92
C VAL B 251 7.97 -21.01 -14.46
N TYR B 252 7.22 -20.98 -15.56
CA TYR B 252 6.96 -19.78 -16.32
C TYR B 252 5.48 -19.41 -16.34
N GLN B 253 5.23 -18.09 -16.28
CA GLN B 253 4.03 -17.40 -16.84
C GLN B 253 4.53 -16.05 -17.39
N MET B 254 3.62 -15.29 -18.02
CA MET B 254 3.99 -14.06 -18.67
C MET B 254 3.03 -12.94 -18.23
N ASP B 255 3.60 -11.84 -17.69
CA ASP B 255 2.93 -10.54 -17.60
C ASP B 255 2.72 -10.17 -19.08
N ASP B 256 1.52 -9.74 -19.46
CA ASP B 256 1.13 -9.72 -20.88
C ASP B 256 2.16 -8.91 -21.70
N ASP B 257 2.80 -9.56 -22.68
CA ASP B 257 3.79 -9.00 -23.64
C ASP B 257 5.23 -9.15 -23.17
N TYR B 258 5.45 -9.76 -21.99
CA TYR B 258 6.83 -9.95 -21.40
C TYR B 258 6.82 -11.20 -20.50
N THR B 259 7.74 -12.11 -20.84
CA THR B 259 7.91 -13.45 -20.20
C THR B 259 8.59 -13.25 -18.83
N VAL B 260 7.92 -13.65 -17.73
CA VAL B 260 8.44 -13.40 -16.39
C VAL B 260 8.66 -14.76 -15.71
N ILE B 261 9.64 -14.78 -14.81
CA ILE B 261 9.95 -16.00 -14.17
C ILE B 261 9.08 -16.12 -12.93
N ASN B 262 8.40 -17.26 -12.84
CA ASN B 262 7.48 -17.49 -11.81
C ASN B 262 8.25 -18.03 -10.62
N SER B 263 8.90 -19.17 -10.83
CA SER B 263 9.50 -19.83 -9.71
C SER B 263 10.73 -20.63 -10.13
N MET B 264 11.47 -21.01 -9.11
CA MET B 264 12.57 -21.85 -9.25
C MET B 264 12.13 -23.16 -8.63
N VAL B 265 12.40 -24.25 -9.35
CA VAL B 265 12.28 -25.58 -8.86
C VAL B 265 13.61 -25.90 -8.20
N ALA B 266 13.53 -26.42 -6.96
CA ALA B 266 14.67 -26.53 -6.08
C ALA B 266 15.70 -27.46 -6.71
N GLY B 267 16.91 -26.93 -6.88
CA GLY B 267 18.08 -27.68 -7.40
C GLY B 267 18.06 -27.90 -8.91
N GLY B 268 17.17 -27.21 -9.63
CA GLY B 268 17.17 -27.20 -11.09
C GLY B 268 18.35 -26.39 -11.65
N PRO B 269 18.66 -26.49 -12.96
CA PRO B 269 19.66 -25.61 -13.56
C PRO B 269 19.37 -24.13 -13.23
N ALA B 270 18.10 -23.73 -13.31
CA ALA B 270 17.68 -22.38 -13.00
C ALA B 270 18.20 -22.03 -11.62
N ALA B 271 17.87 -22.87 -10.64
CA ALA B 271 18.21 -22.64 -9.23
C ALA B 271 19.74 -22.59 -9.03
N LYS B 272 20.49 -23.42 -9.77
CA LYS B 272 21.95 -23.45 -9.67
C LYS B 272 22.57 -22.24 -10.39
N SER B 273 21.83 -21.17 -10.61
CA SER B 273 22.43 -19.90 -10.93
C SER B 273 21.94 -18.84 -9.92
N LYS B 274 22.80 -17.92 -9.44
CA LYS B 274 22.32 -16.71 -8.72
C LYS B 274 21.62 -15.78 -9.72
N ALA B 275 21.85 -16.00 -11.02
CA ALA B 275 21.63 -14.96 -12.01
C ALA B 275 20.15 -14.80 -12.37
N ILE B 276 19.34 -15.82 -12.06
CA ILE B 276 17.89 -15.81 -12.30
C ILE B 276 17.20 -15.62 -10.95
N SER B 277 16.29 -14.66 -10.90
CA SER B 277 15.56 -14.42 -9.64
C SER B 277 14.09 -14.10 -9.95
N VAL B 278 13.14 -14.69 -9.20
CA VAL B 278 11.70 -14.53 -9.41
C VAL B 278 11.47 -13.16 -10.00
N GLY B 279 10.65 -13.06 -11.05
CA GLY B 279 10.30 -11.81 -11.68
C GLY B 279 11.22 -11.37 -12.80
N ASP B 280 12.41 -11.97 -12.96
CA ASP B 280 13.30 -11.59 -14.09
C ASP B 280 12.58 -11.90 -15.42
N LYS B 281 12.84 -11.03 -16.42
CA LYS B 281 12.24 -11.14 -17.75
C LYS B 281 13.23 -11.74 -18.72
N ILE B 282 12.76 -12.72 -19.52
CA ILE B 282 13.51 -13.29 -20.60
C ILE B 282 13.15 -12.54 -21.90
N VAL B 283 14.20 -12.21 -22.65
CA VAL B 283 14.05 -11.47 -23.88
C VAL B 283 14.65 -12.25 -25.05
N GLY B 284 15.45 -13.30 -24.79
CA GLY B 284 16.22 -13.89 -25.88
C GLY B 284 16.80 -15.24 -25.54
N VAL B 285 16.68 -16.19 -26.48
CA VAL B 285 16.92 -17.62 -26.26
C VAL B 285 17.63 -18.18 -27.49
N GLY B 286 18.61 -19.07 -27.26
CA GLY B 286 19.40 -19.63 -28.35
C GLY B 286 20.11 -20.92 -27.97
N GLN B 287 19.98 -21.93 -28.85
CA GLN B 287 20.62 -23.24 -28.70
C GLN B 287 21.88 -23.20 -29.57
N THR B 288 22.83 -24.09 -29.28
CA THR B 288 24.28 -23.82 -29.49
C THR B 288 24.70 -24.08 -30.95
N GLY B 289 23.87 -24.75 -31.77
CA GLY B 289 24.04 -24.82 -33.22
C GLY B 289 23.57 -23.56 -33.97
N LYS B 290 23.12 -22.53 -33.23
CA LYS B 290 22.42 -21.34 -33.76
C LYS B 290 22.82 -20.10 -32.97
N PRO B 291 22.49 -18.88 -33.44
CA PRO B 291 22.64 -17.65 -32.65
C PRO B 291 21.39 -17.40 -31.79
N MET B 292 21.31 -16.26 -31.09
CA MET B 292 20.25 -15.96 -30.09
C MET B 292 19.06 -15.25 -30.75
N VAL B 293 17.83 -15.42 -30.21
CA VAL B 293 16.57 -14.90 -30.86
C VAL B 293 15.70 -14.07 -29.89
N ASP B 294 15.19 -12.92 -30.35
CA ASP B 294 14.17 -12.09 -29.66
C ASP B 294 12.90 -12.93 -29.42
N VAL B 295 12.37 -12.89 -28.19
CA VAL B 295 11.11 -13.58 -27.82
C VAL B 295 10.10 -12.60 -27.20
N ILE B 296 10.18 -11.32 -27.57
CA ILE B 296 9.22 -10.31 -27.11
C ILE B 296 7.93 -10.44 -27.93
N GLY B 297 6.80 -10.70 -27.25
CA GLY B 297 5.47 -10.71 -27.86
C GLY B 297 4.95 -12.09 -28.24
N TRP B 298 5.62 -13.16 -27.80
CA TRP B 298 5.24 -14.52 -28.15
C TRP B 298 4.19 -15.07 -27.16
N ARG B 299 3.47 -16.12 -27.55
CA ARG B 299 2.56 -16.86 -26.65
C ARG B 299 3.42 -17.84 -25.83
N LEU B 300 2.93 -18.16 -24.62
CA LEU B 300 3.70 -18.95 -23.63
C LEU B 300 4.40 -20.16 -24.29
N ASP B 301 3.59 -21.07 -24.86
CA ASP B 301 4.06 -22.27 -25.53
C ASP B 301 5.30 -22.02 -26.37
N ASP B 302 5.27 -20.94 -27.14
CA ASP B 302 6.27 -20.79 -28.16
C ASP B 302 7.64 -20.62 -27.51
N VAL B 303 7.66 -19.84 -26.41
CA VAL B 303 8.91 -19.44 -25.77
C VAL B 303 9.39 -20.60 -24.89
N VAL B 304 8.49 -21.14 -24.06
CA VAL B 304 8.73 -22.37 -23.26
C VAL B 304 9.34 -23.50 -24.12
N ALA B 305 8.65 -23.83 -25.24
CA ALA B 305 9.11 -24.87 -26.14
C ALA B 305 10.58 -24.64 -26.56
N LEU B 306 10.95 -23.40 -26.93
CA LEU B 306 12.28 -23.10 -27.42
C LEU B 306 13.35 -23.38 -26.35
N ILE B 307 13.00 -23.19 -25.07
CA ILE B 307 13.95 -23.43 -23.98
C ILE B 307 14.23 -24.92 -23.87
N LYS B 308 13.20 -25.72 -23.61
CA LYS B 308 13.36 -27.18 -23.53
C LYS B 308 14.16 -27.73 -24.72
N GLY B 309 14.70 -28.92 -24.53
CA GLY B 309 15.62 -29.54 -25.45
C GLY B 309 16.42 -30.56 -24.67
N PRO B 310 16.67 -31.78 -25.17
CA PRO B 310 17.14 -32.89 -24.33
C PRO B 310 18.32 -32.67 -23.36
N LYS B 311 18.20 -33.21 -22.14
CA LYS B 311 19.28 -33.21 -21.13
C LYS B 311 20.65 -33.43 -21.76
N GLY B 312 21.68 -32.87 -21.12
CA GLY B 312 23.01 -32.85 -21.65
C GLY B 312 23.17 -31.84 -22.76
N SER B 313 22.12 -31.04 -23.00
CA SER B 313 22.17 -29.93 -23.92
C SER B 313 22.57 -28.73 -23.07
N LYS B 314 22.70 -27.60 -23.76
CA LYS B 314 22.68 -26.33 -23.16
C LYS B 314 21.52 -25.53 -23.72
N VAL B 315 21.37 -24.34 -23.14
CA VAL B 315 20.61 -23.27 -23.67
C VAL B 315 21.21 -21.99 -23.05
N ARG B 316 21.02 -20.90 -23.79
CA ARG B 316 21.44 -19.58 -23.43
C ARG B 316 20.17 -18.74 -23.23
N LEU B 317 20.10 -17.95 -22.15
CA LEU B 317 19.01 -17.00 -21.98
C LEU B 317 19.56 -15.59 -21.81
N GLU B 318 18.92 -14.65 -22.52
CA GLU B 318 19.10 -13.21 -22.34
C GLU B 318 17.97 -12.68 -21.47
N ILE B 319 18.34 -11.98 -20.40
CA ILE B 319 17.45 -11.62 -19.33
C ILE B 319 17.61 -10.13 -18.96
N LEU B 320 16.46 -9.49 -18.65
CA LEU B 320 16.39 -8.19 -18.01
C LEU B 320 16.03 -8.39 -16.55
N PRO B 321 16.76 -7.73 -15.61
CA PRO B 321 16.44 -7.80 -14.19
C PRO B 321 15.01 -7.32 -13.88
N ALA B 322 14.42 -7.87 -12.81
CA ALA B 322 12.99 -7.69 -12.37
C ALA B 322 12.59 -6.20 -12.28
N GLY B 323 11.60 -5.82 -13.12
CA GLY B 323 11.13 -4.44 -13.28
C GLY B 323 12.14 -3.59 -14.05
N LYS B 324 12.40 -2.36 -13.57
CA LYS B 324 13.50 -1.51 -14.05
C LYS B 324 13.36 -1.19 -15.55
N GLY B 325 14.50 -1.27 -16.28
CA GLY B 325 14.59 -0.84 -17.66
C GLY B 325 15.51 -1.77 -18.45
N THR B 326 15.80 -1.40 -19.71
CA THR B 326 16.61 -2.25 -20.58
C THR B 326 18.09 -2.04 -20.23
N LYS B 327 18.63 -2.96 -19.41
CA LYS B 327 20.03 -3.47 -19.51
C LYS B 327 19.98 -5.01 -19.44
N THR B 328 20.70 -5.65 -20.39
CA THR B 328 20.54 -7.05 -20.77
C THR B 328 21.76 -7.87 -20.32
N ARG B 329 21.47 -8.96 -19.61
CA ARG B 329 22.50 -9.92 -19.13
C ARG B 329 22.22 -11.31 -19.72
N THR B 330 23.28 -12.12 -19.78
CA THR B 330 23.16 -13.47 -20.29
C THR B 330 23.42 -14.47 -19.17
N VAL B 331 22.56 -15.50 -19.13
CA VAL B 331 22.64 -16.61 -18.18
C VAL B 331 22.61 -17.92 -18.96
N THR B 332 23.66 -18.73 -18.80
CA THR B 332 23.79 -20.04 -19.39
C THR B 332 23.59 -21.14 -18.34
N LEU B 333 22.71 -22.09 -18.66
CA LEU B 333 22.45 -23.26 -17.81
C LEU B 333 23.00 -24.57 -18.42
N THR B 334 23.66 -25.39 -17.59
CA THR B 334 24.00 -26.75 -17.97
C THR B 334 22.71 -27.56 -17.81
N ARG B 335 22.04 -27.86 -18.92
CA ARG B 335 20.76 -28.48 -18.83
C ARG B 335 20.88 -29.95 -18.38
N GLU B 336 20.19 -30.18 -17.26
CA GLU B 336 19.85 -31.46 -16.64
C GLU B 336 18.60 -31.16 -15.80
N ARG B 337 17.96 -32.14 -15.15
CA ARG B 337 16.73 -31.84 -14.43
C ARG B 337 16.59 -32.50 -13.03
N ILE B 338 17.19 -31.84 -12.04
CA ILE B 338 17.06 -32.22 -10.65
C ILE B 338 18.05 -33.35 -10.36
N ARG B 339 19.29 -32.99 -10.06
CA ARG B 339 20.26 -33.93 -9.53
C ARG B 339 20.03 -33.98 -8.00
N LEU B 340 19.87 -35.15 -7.37
CA LEU B 340 19.32 -35.17 -5.97
C LEU B 340 20.28 -34.57 -4.97
N GLU B 341 21.59 -34.69 -5.24
CA GLU B 341 22.58 -34.13 -4.30
C GLU B 341 22.72 -32.62 -4.54
N ASP B 342 22.30 -32.10 -5.69
CA ASP B 342 22.06 -30.66 -5.82
C ASP B 342 20.82 -30.26 -5.01
N ARG B 343 19.76 -31.06 -5.08
CA ARG B 343 18.54 -30.82 -4.32
C ARG B 343 18.80 -30.81 -2.80
N ALA B 344 19.86 -31.50 -2.34
CA ALA B 344 19.91 -31.94 -0.96
C ALA B 344 20.21 -30.75 -0.02
N VAL B 345 19.74 -30.86 1.23
CA VAL B 345 20.09 -29.91 2.29
C VAL B 345 21.60 -29.84 2.33
N LYS B 346 22.17 -28.65 2.51
CA LYS B 346 23.61 -28.52 2.79
C LYS B 346 23.82 -28.01 4.22
N MET B 347 24.73 -28.69 4.93
CA MET B 347 25.16 -28.36 6.28
C MET B 347 26.55 -27.71 6.23
N SER B 348 26.74 -26.69 7.05
CA SER B 348 28.05 -26.13 7.29
C SER B 348 28.11 -25.73 8.77
N VAL B 349 29.35 -25.48 9.25
CA VAL B 349 29.62 -24.93 10.59
C VAL B 349 30.39 -23.63 10.44
N LYS B 350 29.78 -22.50 10.80
CA LYS B 350 30.47 -21.20 10.91
C LYS B 350 31.02 -21.03 12.34
N THR B 351 32.05 -20.19 12.50
CA THR B 351 32.63 -19.87 13.83
C THR B 351 32.87 -18.34 13.98
N VAL B 352 32.69 -17.84 15.21
CA VAL B 352 33.21 -16.53 15.58
C VAL B 352 33.98 -16.63 16.89
N GLY B 353 35.30 -16.54 16.76
CA GLY B 353 36.22 -16.88 17.80
C GLY B 353 35.97 -18.31 18.23
N LYS B 354 35.53 -18.44 19.48
CA LYS B 354 35.40 -19.72 20.09
C LYS B 354 34.20 -20.44 19.47
N GLU B 355 33.13 -19.63 19.32
CA GLU B 355 31.74 -20.10 19.31
C GLU B 355 31.39 -20.62 17.92
N LYS B 356 30.45 -21.57 17.88
CA LYS B 356 30.18 -22.27 16.63
C LYS B 356 28.67 -22.25 16.32
N VAL B 357 28.33 -22.13 15.04
CA VAL B 357 26.95 -22.06 14.58
C VAL B 357 26.77 -22.99 13.37
N GLY B 358 26.01 -24.07 13.54
CA GLY B 358 25.59 -24.91 12.43
C GLY B 358 24.68 -24.13 11.49
N VAL B 359 24.91 -24.28 10.19
CA VAL B 359 24.15 -23.55 9.19
C VAL B 359 23.60 -24.52 8.13
N LEU B 360 22.27 -24.62 8.11
CA LEU B 360 21.53 -25.52 7.28
C LEU B 360 20.86 -24.69 6.17
N ASP B 361 21.32 -24.84 4.91
CA ASP B 361 20.62 -24.31 3.72
C ASP B 361 19.69 -25.41 3.28
N ILE B 362 18.40 -25.11 3.42
CA ILE B 362 17.43 -25.95 2.93
C ILE B 362 16.81 -25.29 1.72
N PRO B 363 17.11 -25.85 0.51
CA PRO B 363 16.54 -25.39 -0.75
C PRO B 363 15.01 -25.45 -0.91
N GLY B 364 14.49 -26.59 -0.47
CA GLY B 364 13.07 -26.91 -0.61
C GLY B 364 12.75 -28.01 0.38
N PHE B 365 11.45 -28.24 0.62
CA PHE B 365 11.05 -29.31 1.52
C PHE B 365 10.79 -30.55 0.66
N TYR B 366 11.90 -31.18 0.30
CA TYR B 366 11.92 -32.46 -0.38
C TYR B 366 11.62 -33.59 0.62
N VAL B 367 11.07 -34.67 0.11
CA VAL B 367 10.96 -35.89 0.87
C VAL B 367 12.37 -36.36 1.31
N GLY B 368 12.53 -36.49 2.64
CA GLY B 368 13.72 -37.07 3.23
C GLY B 368 14.51 -36.00 3.92
N LEU B 369 14.06 -34.76 3.69
CA LEU B 369 14.60 -33.61 4.34
C LEU B 369 14.86 -33.90 5.82
N THR B 370 13.80 -34.29 6.56
CA THR B 370 13.86 -34.48 8.01
C THR B 370 14.87 -35.56 8.40
N ASP B 371 15.04 -36.60 7.58
CA ASP B 371 16.01 -37.63 7.86
C ASP B 371 17.43 -37.14 7.63
N ASP B 372 17.62 -36.46 6.48
CA ASP B 372 18.89 -35.79 6.16
C ASP B 372 19.27 -34.89 7.35
N VAL B 373 18.29 -34.11 7.84
CA VAL B 373 18.50 -33.20 8.96
C VAL B 373 18.96 -33.98 10.21
N LYS B 374 18.26 -35.05 10.57
CA LYS B 374 18.71 -35.84 11.73
C LYS B 374 20.21 -36.21 11.59
N VAL B 375 20.64 -36.65 10.41
CA VAL B 375 22.08 -36.98 10.24
C VAL B 375 22.95 -35.73 10.44
N GLN B 376 22.55 -34.59 9.84
CA GLN B 376 23.31 -33.36 10.01
C GLN B 376 23.38 -32.91 11.48
N LEU B 377 22.35 -33.25 12.27
CA LEU B 377 22.40 -32.94 13.68
C LEU B 377 23.49 -33.79 14.35
N GLN B 378 23.85 -34.95 13.76
CA GLN B 378 24.94 -35.79 14.30
C GLN B 378 26.29 -35.04 14.26
N LYS B 379 26.69 -34.58 13.07
CA LYS B 379 28.01 -33.89 12.84
C LYS B 379 28.09 -32.63 13.72
N LEU B 380 26.92 -31.98 13.90
CA LEU B 380 26.84 -30.67 14.57
C LEU B 380 27.06 -30.87 16.07
N GLU B 381 26.90 -32.11 16.56
CA GLU B 381 26.97 -32.33 17.99
C GLU B 381 28.40 -32.76 18.27
N LYS B 382 29.05 -33.40 17.30
CA LYS B 382 30.52 -33.67 17.31
C LYS B 382 31.27 -32.34 17.50
N GLN B 383 30.91 -31.38 16.67
CA GLN B 383 31.54 -30.09 16.68
C GLN B 383 31.00 -29.22 17.84
N ASN B 384 30.00 -29.70 18.56
CA ASN B 384 29.31 -29.04 19.67
C ASN B 384 29.06 -27.54 19.44
N VAL B 385 28.14 -27.25 18.53
CA VAL B 385 27.73 -25.87 18.18
C VAL B 385 26.89 -25.27 19.34
N SER B 386 26.96 -23.96 19.43
CA SER B 386 26.29 -23.13 20.46
C SER B 386 24.86 -22.78 20.04
N SER B 387 24.62 -22.79 18.72
CA SER B 387 23.31 -22.51 18.11
C SER B 387 23.33 -22.94 16.63
N VAL B 388 22.15 -22.90 16.00
CA VAL B 388 21.91 -23.44 14.64
C VAL B 388 20.91 -22.53 13.90
N ILE B 389 21.29 -22.22 12.66
CA ILE B 389 20.46 -21.45 11.76
C ILE B 389 19.87 -22.44 10.76
N ILE B 390 18.55 -22.34 10.56
CA ILE B 390 17.85 -22.99 9.46
C ILE B 390 17.54 -21.91 8.44
N ASP B 391 18.02 -22.13 7.23
CA ASP B 391 18.02 -21.09 6.24
C ASP B 391 16.99 -21.45 5.19
N LEU B 392 15.82 -20.78 5.21
CA LEU B 392 14.76 -21.12 4.28
C LEU B 392 14.60 -20.02 3.23
N ARG B 393 15.69 -19.30 2.97
CA ARG B 393 15.68 -18.17 2.08
C ARG B 393 15.50 -18.66 0.64
N SER B 394 14.56 -18.05 -0.07
CA SER B 394 14.28 -18.43 -1.45
C SER B 394 14.01 -19.94 -1.54
N ASN B 395 13.21 -20.44 -0.60
CA ASN B 395 12.70 -21.81 -0.55
C ASN B 395 11.19 -21.72 -0.76
N GLY B 396 10.74 -21.83 -2.02
CA GLY B 396 9.29 -21.72 -2.40
C GLY B 396 8.46 -22.97 -2.06
N GLY B 397 8.90 -23.73 -1.05
CA GLY B 397 8.15 -24.87 -0.62
C GLY B 397 8.51 -26.20 -1.28
N GLY B 398 7.70 -27.15 -0.83
CA GLY B 398 7.83 -28.56 -0.92
C GLY B 398 6.76 -29.16 -0.01
N ALA B 399 7.00 -30.42 0.36
CA ALA B 399 6.04 -31.36 0.90
C ALA B 399 5.52 -30.88 2.25
N LEU B 400 4.18 -30.78 2.43
CA LEU B 400 3.61 -30.31 3.74
C LEU B 400 4.00 -31.27 4.86
N THR B 401 3.98 -32.57 4.49
CA THR B 401 4.47 -33.72 5.28
C THR B 401 5.81 -33.42 5.96
N GLU B 402 6.80 -33.00 5.18
CA GLU B 402 8.16 -32.82 5.64
C GLU B 402 8.22 -31.60 6.56
N ALA B 403 7.50 -30.53 6.20
CA ALA B 403 7.39 -29.33 6.99
C ALA B 403 7.00 -29.66 8.45
N VAL B 404 6.12 -30.65 8.60
CA VAL B 404 5.52 -31.06 9.87
C VAL B 404 6.56 -31.82 10.72
N SER B 405 7.22 -32.80 10.07
CA SER B 405 8.22 -33.71 10.67
C SER B 405 9.41 -32.92 11.19
N LEU B 406 9.82 -31.94 10.36
CA LEU B 406 10.92 -31.08 10.70
C LEU B 406 10.58 -30.26 11.94
N SER B 407 9.42 -29.59 11.96
CA SER B 407 9.01 -28.83 13.10
C SER B 407 9.22 -29.70 14.30
N GLY B 408 8.79 -30.94 14.19
CA GLY B 408 8.80 -31.87 15.31
C GLY B 408 10.17 -32.34 15.82
N LEU B 409 11.23 -31.96 15.12
CA LEU B 409 12.61 -32.29 15.53
C LEU B 409 13.03 -31.35 16.65
N PHE B 410 12.30 -30.23 16.80
CA PHE B 410 12.69 -29.14 17.71
C PHE B 410 11.71 -28.93 18.88
N ILE B 411 10.61 -29.72 18.85
CA ILE B 411 9.60 -29.71 19.91
C ILE B 411 9.28 -31.14 20.27
N PRO B 412 8.84 -31.43 21.48
CA PRO B 412 8.41 -32.76 21.81
C PRO B 412 6.94 -32.98 21.41
N ALA B 413 6.67 -33.03 20.14
CA ALA B 413 5.36 -33.51 19.58
C ALA B 413 4.02 -32.82 19.91
N GLY B 414 3.78 -31.56 19.59
CA GLY B 414 2.33 -31.11 19.33
C GLY B 414 1.87 -31.00 17.85
N PRO B 415 0.80 -30.21 17.55
CA PRO B 415 0.39 -29.86 16.19
C PRO B 415 1.30 -28.80 15.55
N ILE B 416 1.40 -28.78 14.22
CA ILE B 416 2.25 -27.88 13.47
C ILE B 416 1.45 -26.94 12.56
N VAL B 417 0.35 -27.45 12.02
CA VAL B 417 -0.45 -26.77 11.04
C VAL B 417 -1.89 -27.26 11.13
N GLN B 418 -2.80 -26.29 10.90
CA GLN B 418 -4.21 -26.52 10.61
C GLN B 418 -4.42 -26.41 9.09
N VAL B 419 -5.17 -27.37 8.53
CA VAL B 419 -5.53 -27.32 7.11
C VAL B 419 -7.04 -27.17 6.99
N ARG B 420 -7.50 -26.20 6.19
CA ARG B 420 -8.90 -26.05 5.86
C ARG B 420 -9.13 -26.39 4.37
N ASP B 421 -10.20 -27.14 4.10
CA ASP B 421 -10.46 -27.64 2.76
C ASP B 421 -11.65 -26.88 2.15
N ASN B 422 -12.07 -27.35 0.96
CA ASN B 422 -13.02 -26.68 0.07
C ASN B 422 -14.46 -26.94 0.52
N ASN B 423 -14.61 -27.50 1.73
CA ASN B 423 -15.91 -27.72 2.39
C ASN B 423 -15.99 -27.03 3.76
N GLY B 424 -14.95 -26.25 4.13
CA GLY B 424 -14.84 -25.54 5.45
C GLY B 424 -14.33 -26.43 6.58
N LYS B 425 -13.99 -27.68 6.24
CA LYS B 425 -13.62 -28.70 7.21
C LYS B 425 -12.16 -28.47 7.58
N VAL B 426 -11.76 -28.78 8.82
CA VAL B 426 -10.41 -28.46 9.31
C VAL B 426 -9.69 -29.74 9.78
N ARG B 427 -8.44 -29.90 9.34
CA ARG B 427 -7.54 -31.01 9.72
C ARG B 427 -6.30 -30.43 10.43
N GLU B 428 -5.86 -31.11 11.50
CA GLU B 428 -4.68 -30.75 12.20
C GLU B 428 -3.60 -31.83 11.97
N ASP B 429 -2.49 -31.39 11.36
CA ASP B 429 -1.31 -32.21 11.13
C ASP B 429 -0.33 -31.96 12.28
N SER B 430 0.13 -33.05 12.91
CA SER B 430 0.88 -32.92 14.13
C SER B 430 2.07 -33.89 14.19
N ASP B 431 2.98 -33.57 15.13
CA ASP B 431 4.27 -34.25 15.39
C ASP B 431 4.13 -35.25 16.57
N THR B 432 4.73 -36.43 16.44
CA THR B 432 4.70 -37.52 17.40
C THR B 432 6.01 -37.61 18.22
N ASP B 433 7.11 -37.09 17.67
CA ASP B 433 8.45 -37.04 18.32
C ASP B 433 8.38 -36.19 19.59
N GLY B 434 7.96 -36.83 20.68
CA GLY B 434 8.05 -36.30 22.00
C GLY B 434 9.49 -36.07 22.40
N GLN B 435 10.44 -36.61 21.63
CA GLN B 435 11.87 -36.34 21.79
C GLN B 435 12.30 -35.29 20.75
N VAL B 436 13.37 -34.56 21.09
CA VAL B 436 13.87 -33.40 20.35
C VAL B 436 15.29 -33.71 19.95
N PHE B 437 15.60 -33.63 18.66
CA PHE B 437 16.89 -34.13 18.20
C PHE B 437 17.96 -33.07 18.34
N TYR B 438 17.56 -31.80 18.26
CA TYR B 438 18.41 -30.73 18.67
C TYR B 438 17.67 -29.75 19.58
N LYS B 439 18.24 -29.53 20.78
CA LYS B 439 17.58 -28.85 21.93
C LYS B 439 17.97 -27.37 21.99
N GLY B 440 19.18 -27.05 21.50
CA GLY B 440 19.83 -25.72 21.63
C GLY B 440 19.11 -24.61 20.86
N PRO B 441 19.57 -23.34 20.99
CA PRO B 441 18.96 -22.19 20.33
C PRO B 441 18.87 -22.30 18.80
N LEU B 442 17.79 -21.74 18.23
CA LEU B 442 17.50 -22.00 16.84
C LEU B 442 16.96 -20.74 16.16
N VAL B 443 17.49 -20.43 14.98
CA VAL B 443 17.01 -19.32 14.23
C VAL B 443 16.50 -19.86 12.88
N VAL B 444 15.44 -19.25 12.38
CA VAL B 444 14.98 -19.55 11.07
C VAL B 444 15.15 -18.24 10.32
N LEU B 445 15.89 -18.32 9.22
CA LEU B 445 16.18 -17.21 8.38
C LEU B 445 15.35 -17.40 7.12
N VAL B 446 14.61 -16.36 6.74
CA VAL B 446 13.64 -16.37 5.64
C VAL B 446 13.78 -15.07 4.84
N ASP B 447 13.27 -15.05 3.62
CA ASP B 447 13.27 -13.81 2.87
C ASP B 447 11.95 -13.66 2.11
N ARG B 448 11.90 -12.63 1.27
CA ARG B 448 10.78 -12.26 0.39
C ARG B 448 10.09 -13.50 -0.18
N PHE B 449 10.86 -14.56 -0.45
CA PHE B 449 10.46 -15.68 -1.30
C PHE B 449 10.29 -16.99 -0.52
N SER B 450 10.59 -17.03 0.78
CA SER B 450 10.23 -18.23 1.53
C SER B 450 8.73 -18.42 1.36
N ALA B 451 8.29 -19.68 1.19
CA ALA B 451 6.87 -19.95 0.96
C ALA B 451 6.43 -21.29 1.53
N ILE B 452 5.13 -21.35 1.81
CA ILE B 452 4.38 -22.56 2.09
C ILE B 452 5.10 -23.34 3.19
N ALA B 453 5.86 -24.36 2.78
CA ALA B 453 6.37 -25.37 3.66
C ALA B 453 7.30 -24.66 4.65
N SER B 454 8.07 -23.72 4.07
CA SER B 454 8.97 -22.84 4.80
C SER B 454 8.15 -22.00 5.79
N GLU B 455 7.05 -21.43 5.30
CA GLU B 455 6.31 -20.48 6.05
C GLU B 455 5.67 -21.18 7.24
N ILE B 456 5.11 -22.37 7.02
CA ILE B 456 4.44 -23.13 8.09
C ILE B 456 5.46 -23.64 9.12
N PHE B 457 6.64 -24.08 8.66
CA PHE B 457 7.71 -24.38 9.59
C PHE B 457 8.18 -23.10 10.31
N ALA B 458 8.39 -22.02 9.58
CA ALA B 458 8.85 -20.75 10.18
C ALA B 458 7.83 -20.17 11.17
N ALA B 459 6.55 -20.17 10.76
CA ALA B 459 5.41 -19.72 11.57
C ALA B 459 5.27 -20.61 12.80
N ALA B 460 5.38 -21.91 12.57
CA ALA B 460 5.29 -22.90 13.61
C ALA B 460 6.40 -22.69 14.66
N MET B 461 7.63 -22.44 14.20
CA MET B 461 8.75 -22.23 15.15
C MET B 461 8.49 -20.95 15.96
N GLN B 462 7.81 -19.96 15.37
CA GLN B 462 7.43 -18.73 16.08
C GLN B 462 6.37 -19.05 17.14
N ASP B 463 5.32 -19.77 16.73
CA ASP B 463 4.16 -20.06 17.58
C ASP B 463 4.57 -20.97 18.75
N TYR B 464 5.61 -21.78 18.59
CA TYR B 464 6.10 -22.61 19.67
C TYR B 464 7.11 -21.86 20.55
N GLY B 465 7.52 -20.66 20.12
CA GLY B 465 8.60 -19.88 20.80
C GLY B 465 9.87 -20.72 21.00
N ARG B 466 10.26 -21.44 19.93
CA ARG B 466 11.41 -22.31 19.91
C ARG B 466 12.56 -21.75 19.08
N ALA B 467 12.24 -20.79 18.20
CA ALA B 467 13.29 -20.18 17.40
C ALA B 467 12.92 -18.74 17.09
N LEU B 468 14.00 -18.00 16.85
CA LEU B 468 14.00 -16.60 16.48
C LEU B 468 13.88 -16.52 14.95
N VAL B 469 13.07 -15.62 14.45
CA VAL B 469 12.97 -15.51 13.02
C VAL B 469 13.69 -14.21 12.65
N VAL B 470 14.47 -14.26 11.58
CA VAL B 470 15.29 -13.17 11.13
C VAL B 470 15.13 -13.07 9.61
N GLY B 471 15.13 -11.84 9.08
CA GLY B 471 15.17 -11.60 7.63
C GLY B 471 14.05 -10.66 7.22
N GLU B 472 13.33 -11.04 6.14
CA GLU B 472 12.29 -10.19 5.52
C GLU B 472 10.93 -10.83 5.75
N PRO B 473 9.81 -10.06 5.71
CA PRO B 473 8.48 -10.63 5.51
C PRO B 473 8.49 -11.75 4.44
N THR B 474 7.87 -12.90 4.73
CA THR B 474 7.82 -14.04 3.77
C THR B 474 6.74 -13.82 2.70
N PHE B 475 6.71 -14.72 1.70
CA PHE B 475 5.96 -14.49 0.51
C PHE B 475 4.46 -14.37 0.85
N GLY B 476 3.96 -15.34 1.63
CA GLY B 476 2.57 -15.32 2.19
C GLY B 476 1.57 -16.16 1.38
N LYS B 477 2.09 -17.05 0.53
CA LYS B 477 1.22 -17.95 -0.19
C LYS B 477 0.72 -19.03 0.78
N GLY B 478 -0.52 -18.90 1.29
CA GLY B 478 -1.04 -19.77 2.38
C GLY B 478 -2.17 -20.72 1.94
N THR B 479 -2.21 -21.07 0.65
CA THR B 479 -3.22 -21.96 0.08
C THR B 479 -2.55 -22.97 -0.85
N VAL B 480 -3.18 -24.14 -1.06
CA VAL B 480 -2.70 -25.07 -2.08
C VAL B 480 -3.75 -25.23 -3.19
N GLN B 481 -3.29 -25.70 -4.35
CA GLN B 481 -4.11 -25.97 -5.51
C GLN B 481 -3.88 -27.42 -5.89
N GLN B 482 -4.70 -27.94 -6.81
CA GLN B 482 -4.52 -29.30 -7.31
C GLN B 482 -4.96 -29.33 -8.77
N TYR B 483 -4.48 -30.34 -9.53
CA TYR B 483 -4.97 -30.60 -10.91
C TYR B 483 -6.05 -31.68 -10.84
N ARG B 484 -7.14 -31.44 -11.62
CA ARG B 484 -8.08 -32.49 -12.02
C ARG B 484 -8.12 -32.52 -13.54
N SER B 485 -8.20 -33.72 -14.12
CA SER B 485 -8.43 -33.84 -15.55
C SER B 485 -9.89 -33.48 -15.88
N LEU B 486 -10.04 -32.88 -17.04
CA LEU B 486 -11.33 -32.60 -17.59
C LEU B 486 -11.85 -33.85 -18.37
N ASN B 487 -10.96 -34.80 -18.70
CA ASN B 487 -11.32 -36.06 -19.32
C ASN B 487 -12.01 -36.95 -18.30
N ARG B 488 -13.18 -37.49 -18.67
CA ARG B 488 -13.90 -38.50 -17.93
C ARG B 488 -13.85 -39.82 -18.71
N ILE B 489 -13.96 -40.92 -17.97
CA ILE B 489 -13.64 -42.26 -18.47
C ILE B 489 -14.46 -42.63 -19.73
N TYR B 490 -15.62 -41.96 -19.98
CA TYR B 490 -16.63 -42.38 -21.04
C TYR B 490 -16.47 -41.60 -22.34
N ASP B 491 -15.39 -40.85 -22.50
CA ASP B 491 -15.39 -39.85 -23.55
C ASP B 491 -15.18 -40.52 -24.92
N GLN B 492 -14.30 -41.51 -25.01
CA GLN B 492 -13.93 -42.09 -26.34
C GLN B 492 -14.70 -43.40 -26.59
N MET B 493 -15.51 -43.85 -25.61
CA MET B 493 -16.49 -44.94 -25.83
C MET B 493 -17.62 -44.39 -26.70
N LEU B 494 -17.80 -43.07 -26.64
CA LEU B 494 -18.90 -42.44 -27.30
C LEU B 494 -18.38 -41.60 -28.47
N ARG B 495 -17.42 -40.74 -28.21
CA ARG B 495 -16.95 -39.77 -29.16
C ARG B 495 -15.42 -39.75 -29.16
N PRO B 496 -14.77 -40.51 -30.04
CA PRO B 496 -13.35 -40.30 -30.22
C PRO B 496 -13.03 -39.01 -30.98
N GLU B 497 -13.95 -38.06 -31.10
CA GLU B 497 -13.48 -36.73 -31.53
C GLU B 497 -12.72 -36.17 -30.32
N TRP B 498 -11.44 -36.48 -30.38
CA TRP B 498 -10.60 -36.57 -29.25
C TRP B 498 -9.42 -35.64 -29.41
N PRO B 499 -9.67 -34.32 -29.46
CA PRO B 499 -8.58 -33.37 -29.47
C PRO B 499 -7.83 -33.57 -28.15
N ALA B 500 -8.50 -34.26 -27.22
CA ALA B 500 -8.06 -34.59 -25.86
C ALA B 500 -8.38 -33.38 -25.00
N LEU B 501 -8.67 -33.56 -23.71
CA LEU B 501 -9.05 -32.41 -22.93
C LEU B 501 -7.92 -32.04 -21.96
N GLY B 502 -7.82 -30.75 -21.64
CA GLY B 502 -6.84 -30.17 -20.74
C GLY B 502 -7.21 -30.43 -19.29
N SER B 503 -6.59 -29.70 -18.36
CA SER B 503 -6.90 -29.85 -16.92
C SER B 503 -7.05 -28.48 -16.26
N VAL B 504 -7.69 -28.50 -15.09
CA VAL B 504 -7.85 -27.34 -14.25
C VAL B 504 -6.93 -27.50 -13.06
N GLN B 505 -6.62 -26.35 -12.48
CA GLN B 505 -5.75 -26.17 -11.35
C GLN B 505 -6.45 -25.10 -10.49
N TYR B 506 -6.79 -25.37 -9.23
CA TYR B 506 -7.57 -24.40 -8.49
C TYR B 506 -7.42 -24.64 -6.99
N THR B 507 -7.82 -23.65 -6.18
CA THR B 507 -7.49 -23.59 -4.71
C THR B 507 -8.39 -24.55 -3.90
N ILE B 508 -7.80 -25.50 -3.19
CA ILE B 508 -8.62 -26.50 -2.52
C ILE B 508 -8.48 -26.40 -1.01
N GLN B 509 -7.36 -25.85 -0.52
CA GLN B 509 -7.02 -25.80 0.91
C GLN B 509 -6.49 -24.38 1.21
N LYS B 510 -6.75 -23.92 2.44
CA LYS B 510 -6.14 -22.72 3.00
C LYS B 510 -5.45 -23.11 4.29
N PHE B 511 -4.20 -22.69 4.48
CA PHE B 511 -3.42 -23.15 5.65
C PHE B 511 -3.59 -22.16 6.81
N TYR B 512 -3.59 -22.69 8.03
CA TYR B 512 -3.67 -21.87 9.22
C TYR B 512 -2.57 -22.29 10.20
N ARG B 513 -1.96 -21.29 10.85
CA ARG B 513 -0.91 -21.44 11.89
C ARG B 513 -1.60 -22.09 13.11
N VAL B 514 -0.83 -22.66 14.05
CA VAL B 514 -1.48 -23.29 15.22
C VAL B 514 -2.21 -22.23 16.06
N ASN B 515 -1.73 -20.98 15.95
CA ASN B 515 -2.33 -19.82 16.62
C ASN B 515 -3.66 -19.40 15.95
N GLY B 516 -4.04 -20.03 14.82
CA GLY B 516 -5.32 -19.74 14.17
C GLY B 516 -5.23 -18.74 13.02
N GLY B 517 -4.08 -18.06 12.86
CA GLY B 517 -3.90 -17.13 11.74
C GLY B 517 -3.53 -17.88 10.46
N SER B 518 -4.08 -17.45 9.31
CA SER B 518 -3.66 -17.98 8.00
C SER B 518 -2.49 -17.17 7.48
N THR B 519 -1.62 -17.85 6.73
CA THR B 519 -0.46 -17.21 6.19
C THR B 519 -0.87 -16.47 4.91
N GLN B 520 -2.09 -16.70 4.39
CA GLN B 520 -2.42 -16.19 3.05
C GLN B 520 -2.44 -14.64 3.09
N ARG B 521 -1.63 -14.02 2.22
CA ARG B 521 -1.50 -12.57 2.12
C ARG B 521 -0.71 -11.94 3.30
N LYS B 522 -0.41 -12.67 4.38
CA LYS B 522 0.32 -12.07 5.53
C LYS B 522 1.76 -12.60 5.60
N GLY B 523 1.94 -13.89 5.34
CA GLY B 523 3.26 -14.50 5.50
C GLY B 523 3.62 -14.62 6.96
N VAL B 524 4.91 -14.78 7.25
CA VAL B 524 5.43 -14.78 8.63
C VAL B 524 6.29 -13.52 8.79
N THR B 525 6.08 -12.78 9.89
CA THR B 525 6.81 -11.55 10.11
C THR B 525 7.90 -11.85 11.14
N PRO B 526 9.20 -11.80 10.74
CA PRO B 526 10.33 -12.08 11.64
C PRO B 526 10.42 -11.17 12.87
N ASP B 527 11.06 -11.71 13.90
CA ASP B 527 11.33 -11.07 15.15
C ASP B 527 12.34 -9.96 14.87
N ILE B 528 13.37 -10.29 14.09
CA ILE B 528 14.40 -9.34 13.67
C ILE B 528 14.33 -9.13 12.14
N ILE B 529 14.16 -7.85 11.78
CA ILE B 529 14.02 -7.39 10.43
C ILE B 529 15.36 -6.84 9.97
N MET B 530 15.88 -7.39 8.88
CA MET B 530 17.04 -6.82 8.17
C MET B 530 16.62 -5.59 7.39
N PRO B 531 17.56 -4.92 6.70
CA PRO B 531 17.24 -3.75 5.88
C PRO B 531 15.91 -3.71 5.12
N THR B 532 15.48 -4.79 4.43
CA THR B 532 14.19 -4.71 3.69
C THR B 532 13.04 -4.74 4.70
N GLU B 541 2.67 -12.16 -1.91
CA GLU B 541 1.37 -12.70 -2.27
C GLU B 541 0.31 -11.60 -2.27
N LYS B 542 0.39 -10.72 -1.27
CA LYS B 542 -0.66 -9.75 -0.98
C LYS B 542 -0.83 -8.78 -2.16
N PHE B 543 0.24 -8.58 -2.94
CA PHE B 543 0.26 -7.66 -4.05
C PHE B 543 -0.42 -8.24 -5.30
N GLU B 544 -0.97 -9.47 -5.22
CA GLU B 544 -1.47 -10.17 -6.42
C GLU B 544 -2.95 -9.82 -6.66
N ASP B 545 -3.36 -9.91 -7.93
CA ASP B 545 -4.75 -9.65 -8.36
C ASP B 545 -5.73 -10.67 -7.77
N ASN B 546 -6.53 -10.21 -6.79
CA ASN B 546 -7.70 -10.94 -6.22
C ASN B 546 -7.24 -12.12 -5.33
N ALA B 547 -6.07 -11.98 -4.70
CA ALA B 547 -5.61 -12.95 -3.67
C ALA B 547 -6.63 -13.09 -2.52
N LEU B 548 -6.75 -14.31 -1.97
CA LEU B 548 -7.73 -14.59 -0.94
C LEU B 548 -7.39 -13.85 0.35
N PRO B 549 -8.40 -13.28 1.03
CA PRO B 549 -8.20 -12.18 1.99
C PRO B 549 -7.93 -12.57 3.44
N TRP B 550 -7.88 -11.53 4.29
CA TRP B 550 -7.90 -11.54 5.78
C TRP B 550 -8.84 -12.62 6.32
N ASP B 551 -8.35 -13.37 7.33
CA ASP B 551 -9.07 -14.52 7.87
C ASP B 551 -8.42 -14.98 9.19
N SER B 552 -9.18 -15.72 10.00
CA SER B 552 -8.66 -16.38 11.23
C SER B 552 -9.53 -17.59 11.59
N ILE B 553 -9.01 -18.44 12.47
CA ILE B 553 -9.72 -19.62 12.97
C ILE B 553 -9.27 -19.87 14.41
N ASP B 554 -10.03 -20.65 15.19
CA ASP B 554 -9.69 -20.85 16.61
C ASP B 554 -8.37 -21.62 16.69
N ALA B 555 -7.48 -21.18 17.57
CA ALA B 555 -6.19 -21.83 17.75
C ALA B 555 -6.37 -23.26 18.25
N ALA B 556 -5.49 -24.14 17.76
CA ALA B 556 -5.40 -25.52 18.19
C ALA B 556 -4.81 -25.52 19.59
N THR B 557 -4.77 -26.71 20.20
CA THR B 557 -4.17 -26.90 21.49
C THR B 557 -2.72 -27.36 21.30
N TYR B 558 -1.77 -26.58 21.80
CA TYR B 558 -0.37 -26.98 21.75
C TYR B 558 0.39 -26.73 23.08
N VAL B 559 1.59 -27.31 23.16
CA VAL B 559 2.47 -27.14 24.30
C VAL B 559 3.76 -26.46 23.80
N LYS B 560 3.89 -25.19 24.12
CA LYS B 560 5.01 -24.37 23.70
C LYS B 560 6.31 -24.86 24.33
N SER B 561 7.39 -24.54 23.62
CA SER B 561 8.74 -24.88 24.00
C SER B 561 9.40 -23.75 24.80
N GLY B 562 8.73 -22.57 24.87
CA GLY B 562 9.23 -21.40 25.64
C GLY B 562 8.61 -20.09 25.18
N ASP B 563 9.16 -18.97 25.64
CA ASP B 563 8.72 -17.63 25.21
C ASP B 563 9.96 -16.75 25.16
N LEU B 564 10.22 -16.17 23.99
CA LEU B 564 11.40 -15.36 23.76
C LEU B 564 11.03 -13.89 23.57
N THR B 565 9.80 -13.47 23.92
CA THR B 565 9.49 -12.03 23.73
C THR B 565 10.50 -11.21 24.56
N ALA B 566 10.88 -11.79 25.72
CA ALA B 566 11.86 -11.23 26.63
C ALA B 566 13.09 -10.71 25.86
N PHE B 567 13.64 -11.57 25.03
CA PHE B 567 14.96 -11.41 24.46
C PHE B 567 15.02 -10.35 23.33
N GLU B 568 13.87 -9.94 22.77
CA GLU B 568 13.84 -9.20 21.49
C GLU B 568 14.58 -7.86 21.56
N PRO B 569 14.38 -6.98 22.58
CA PRO B 569 15.08 -5.67 22.67
C PRO B 569 16.61 -5.71 22.77
N GLU B 570 17.18 -6.56 23.63
CA GLU B 570 18.65 -6.71 23.67
C GLU B 570 19.13 -7.31 22.33
N LEU B 571 18.42 -8.29 21.79
CA LEU B 571 18.77 -8.89 20.49
C LEU B 571 18.84 -7.82 19.37
N LEU B 572 17.80 -6.98 19.28
CA LEU B 572 17.70 -5.82 18.34
C LEU B 572 18.90 -4.85 18.50
N LYS B 573 19.25 -4.55 19.78
CA LYS B 573 20.15 -3.43 20.18
C LYS B 573 21.56 -3.73 19.68
N GLU B 574 22.04 -4.96 19.94
CA GLU B 574 23.29 -5.43 19.33
C GLU B 574 23.20 -5.52 17.78
N HIS B 575 22.03 -5.89 17.23
CA HIS B 575 21.88 -5.99 15.76
C HIS B 575 22.06 -4.60 15.15
N ASN B 576 21.41 -3.59 15.74
CA ASN B 576 21.49 -2.25 15.18
C ASN B 576 22.94 -1.71 15.22
N ALA B 577 23.60 -1.92 16.34
CA ALA B 577 24.99 -1.55 16.50
C ALA B 577 25.87 -2.20 15.41
N ARG B 578 25.79 -3.53 15.28
CA ARG B 578 26.70 -4.30 14.35
C ARG B 578 26.57 -3.79 12.90
N ILE B 579 25.31 -3.53 12.48
CA ILE B 579 25.07 -3.28 11.09
C ILE B 579 25.39 -1.82 10.82
N ALA B 580 25.40 -1.00 11.87
CA ALA B 580 25.80 0.40 11.75
C ALA B 580 27.27 0.51 11.32
N LYS B 581 28.12 -0.45 11.71
CA LYS B 581 29.55 -0.40 11.42
C LYS B 581 29.86 -1.16 10.13
N ASP B 582 28.87 -1.83 9.51
CA ASP B 582 29.17 -2.86 8.49
C ASP B 582 29.01 -2.35 7.06
N PRO B 583 30.08 -2.37 6.23
CA PRO B 583 30.08 -1.74 4.92
C PRO B 583 28.92 -2.15 4.00
N GLU B 584 28.62 -3.45 3.98
CA GLU B 584 27.67 -3.98 3.07
C GLU B 584 26.28 -3.48 3.48
N PHE B 585 25.99 -3.49 4.79
CA PHE B 585 24.71 -3.01 5.28
C PHE B 585 24.58 -1.50 5.00
N GLN B 586 25.71 -0.80 5.12
CA GLN B 586 25.76 0.61 4.92
C GLN B 586 25.31 0.83 3.47
N ASN B 587 25.92 0.08 2.56
CA ASN B 587 25.66 0.23 1.14
C ASN B 587 24.20 -0.16 0.84
N ILE B 588 23.73 -1.22 1.50
CA ILE B 588 22.37 -1.74 1.27
C ILE B 588 21.33 -0.65 1.59
N MET B 589 21.58 0.05 2.70
CA MET B 589 20.70 1.13 3.19
C MET B 589 20.64 2.27 2.18
N LYS B 590 21.82 2.61 1.63
CA LYS B 590 21.95 3.66 0.64
C LYS B 590 21.05 3.36 -0.57
N ASP B 591 21.02 2.09 -1.01
CA ASP B 591 20.31 1.66 -2.22
C ASP B 591 18.79 1.65 -1.95
N ILE B 592 18.42 1.37 -0.70
CA ILE B 592 17.01 1.41 -0.29
C ILE B 592 16.48 2.85 -0.29
N ALA B 593 17.21 3.80 0.30
CA ALA B 593 16.78 5.23 0.31
C ALA B 593 16.55 5.72 -1.14
N ARG B 594 17.51 5.41 -2.02
CA ARG B 594 17.51 5.82 -3.42
C ARG B 594 16.26 5.26 -4.12
N PHE B 595 15.93 3.99 -3.80
CA PHE B 595 14.76 3.28 -4.32
C PHE B 595 13.48 4.06 -3.99
N ASN B 596 13.31 4.38 -2.72
CA ASN B 596 12.18 5.11 -2.24
C ASN B 596 12.06 6.44 -3.01
N ALA B 597 13.13 7.23 -3.00
CA ALA B 597 13.02 8.61 -3.46
C ALA B 597 12.55 8.68 -4.92
N MET B 598 12.84 7.65 -5.73
CA MET B 598 12.59 7.67 -7.20
C MET B 598 11.44 6.73 -7.61
N LYS B 599 10.76 6.11 -6.64
CA LYS B 599 9.69 5.17 -6.85
C LYS B 599 8.48 5.85 -7.54
N ASP B 600 8.42 7.19 -7.57
CA ASP B 600 7.24 7.87 -8.14
C ASP B 600 7.38 8.05 -9.66
N LYS B 601 8.50 8.62 -10.09
CA LYS B 601 8.96 8.67 -11.48
C LYS B 601 8.85 7.30 -12.16
N ARG B 602 9.01 6.21 -11.39
CA ARG B 602 9.36 4.81 -11.81
C ARG B 602 8.64 4.31 -13.08
N ASN B 603 7.37 4.65 -13.24
CA ASN B 603 6.61 4.17 -14.41
C ASN B 603 7.19 4.70 -15.74
N ILE B 604 8.00 5.77 -15.74
CA ILE B 604 8.24 6.61 -16.94
C ILE B 604 9.72 6.93 -17.14
N VAL B 605 10.17 6.89 -18.40
CA VAL B 605 11.59 6.93 -18.72
C VAL B 605 11.80 7.97 -19.82
N SER B 606 12.98 8.58 -19.80
CA SER B 606 13.41 9.55 -20.80
C SER B 606 13.62 8.82 -22.11
N LEU B 607 13.27 9.47 -23.23
CA LEU B 607 13.61 8.95 -24.55
C LEU B 607 14.84 9.69 -25.13
N ASN B 608 15.46 10.56 -24.33
CA ASN B 608 16.67 11.28 -24.75
C ASN B 608 17.87 10.35 -24.65
N TYR B 609 18.54 10.08 -25.77
CA TYR B 609 19.61 9.06 -25.81
C TYR B 609 20.72 9.41 -24.80
N ALA B 610 21.17 10.67 -24.80
CA ALA B 610 22.35 11.10 -24.03
C ALA B 610 22.04 11.10 -22.53
N VAL B 611 20.82 11.46 -22.17
CA VAL B 611 20.36 11.35 -20.77
C VAL B 611 20.48 9.87 -20.34
N ARG B 612 19.92 8.96 -21.16
CA ARG B 612 19.90 7.52 -20.88
C ARG B 612 21.33 6.98 -20.82
N GLU B 613 22.21 7.44 -21.70
CA GLU B 613 23.63 7.02 -21.72
C GLU B 613 24.31 7.47 -20.42
N LYS B 614 23.93 8.65 -19.92
CA LYS B 614 24.47 9.20 -18.65
C LYS B 614 23.95 8.39 -17.44
N GLU B 615 22.64 8.04 -17.47
CA GLU B 615 22.00 7.14 -16.48
C GLU B 615 22.81 5.81 -16.37
N ASN B 616 23.01 5.16 -17.53
CA ASN B 616 23.82 3.92 -17.68
C ASN B 616 25.22 4.13 -17.12
N ASN B 617 25.93 5.18 -17.58
CA ASN B 617 27.30 5.48 -17.16
C ASN B 617 27.39 5.65 -15.63
N GLU B 618 26.49 6.47 -15.04
CA GLU B 618 26.45 6.75 -13.57
C GLU B 618 26.26 5.43 -12.81
N ASP B 619 25.34 4.59 -13.31
CA ASP B 619 25.05 3.30 -12.67
C ASP B 619 26.34 2.49 -12.58
N ASP B 620 27.04 2.38 -13.72
CA ASP B 620 28.26 1.55 -13.83
C ASP B 620 29.32 2.04 -12.83
N ALA B 621 29.48 3.37 -12.76
CA ALA B 621 30.43 3.99 -11.83
C ALA B 621 30.13 3.49 -10.41
N THR B 622 28.87 3.62 -10.00
CA THR B 622 28.41 3.12 -8.75
C THR B 622 28.90 1.67 -8.55
N ARG B 623 28.47 0.80 -9.47
CA ARG B 623 28.55 -0.64 -9.29
C ARG B 623 30.03 -1.07 -9.27
N LEU B 624 30.82 -0.56 -10.22
CA LEU B 624 32.28 -0.83 -10.28
C LEU B 624 32.95 -0.37 -8.97
N ALA B 625 32.53 0.80 -8.46
CA ALA B 625 33.07 1.35 -7.23
C ALA B 625 32.79 0.40 -6.05
N ARG B 626 31.57 -0.11 -6.02
CA ARG B 626 31.08 -0.95 -4.92
C ARG B 626 31.79 -2.32 -4.90
N LEU B 627 32.05 -2.88 -6.09
CA LEU B 627 32.82 -4.14 -6.20
C LEU B 627 34.28 -3.93 -5.75
N ASN B 628 34.93 -2.87 -6.27
CA ASN B 628 36.34 -2.56 -5.97
C ASN B 628 36.53 -2.32 -4.47
N GLU B 629 35.59 -1.56 -3.88
CA GLU B 629 35.61 -1.26 -2.47
C GLU B 629 35.72 -2.57 -1.69
N ARG B 630 34.90 -3.52 -2.11
CA ARG B 630 34.79 -4.83 -1.51
C ARG B 630 36.14 -5.52 -1.60
N PHE B 631 36.74 -5.46 -2.80
CA PHE B 631 37.95 -6.24 -3.07
C PHE B 631 39.11 -5.68 -2.24
N LYS B 632 39.11 -4.36 -2.04
CA LYS B 632 40.09 -3.76 -1.16
C LYS B 632 40.08 -4.53 0.17
N ARG B 633 38.90 -4.60 0.81
CA ARG B 633 38.73 -5.21 2.16
C ARG B 633 38.94 -6.74 2.10
N GLU B 634 38.76 -7.34 0.92
CA GLU B 634 38.91 -8.78 0.80
C GLU B 634 40.37 -9.12 0.46
N GLY B 635 41.15 -8.09 0.07
CA GLY B 635 42.54 -8.24 -0.36
C GLY B 635 42.64 -8.78 -1.78
N LYS B 636 41.54 -8.69 -2.54
CA LYS B 636 41.45 -9.06 -3.98
C LYS B 636 42.00 -7.90 -4.82
N PRO B 637 42.61 -8.16 -6.00
CA PRO B 637 43.14 -7.08 -6.83
C PRO B 637 41.99 -6.27 -7.43
N GLU B 638 42.14 -4.95 -7.52
CA GLU B 638 40.99 -4.10 -7.76
C GLU B 638 40.71 -4.06 -9.27
N LEU B 639 39.45 -3.77 -9.64
CA LEU B 639 39.02 -3.82 -11.05
C LEU B 639 39.45 -2.54 -11.77
N LYS B 640 39.85 -2.76 -13.03
CA LYS B 640 40.20 -1.73 -13.89
C LYS B 640 38.94 -1.34 -14.68
N LYS B 641 37.95 -2.26 -14.80
CA LYS B 641 36.63 -1.97 -15.46
C LYS B 641 35.53 -2.97 -15.06
N LEU B 642 34.25 -2.59 -15.20
CA LEU B 642 33.02 -3.49 -15.03
C LEU B 642 32.90 -4.54 -16.13
N ASP B 643 33.37 -4.20 -17.34
CA ASP B 643 33.51 -5.14 -18.43
C ASP B 643 34.02 -6.49 -17.85
N ASP B 644 34.96 -6.40 -16.91
CA ASP B 644 35.79 -7.53 -16.47
C ASP B 644 35.18 -8.39 -15.35
N LEU B 645 33.93 -8.22 -14.95
CA LEU B 645 33.45 -9.04 -13.83
C LEU B 645 33.20 -10.47 -14.33
N PRO B 646 33.91 -11.51 -13.80
CA PRO B 646 33.70 -12.89 -14.24
C PRO B 646 32.25 -13.34 -14.02
N LYS B 647 31.74 -14.26 -14.86
CA LYS B 647 30.31 -14.72 -14.88
C LYS B 647 29.94 -15.64 -13.71
N ASP B 648 30.97 -16.13 -12.99
CA ASP B 648 30.84 -16.89 -11.77
C ASP B 648 31.11 -15.98 -10.56
N TYR B 649 31.12 -14.66 -10.77
CA TYR B 649 31.28 -13.78 -9.60
C TYR B 649 30.11 -13.96 -8.62
N GLN B 650 30.40 -14.28 -7.35
CA GLN B 650 29.33 -14.43 -6.36
C GLN B 650 29.33 -13.25 -5.36
N GLU B 651 28.14 -12.69 -5.11
CA GLU B 651 27.88 -11.67 -4.09
C GLU B 651 28.08 -12.30 -2.72
N PRO B 652 28.63 -11.57 -1.72
CA PRO B 652 28.78 -12.12 -0.37
C PRO B 652 27.40 -12.02 0.25
N ASP B 653 27.28 -12.62 1.45
CA ASP B 653 26.02 -12.90 2.09
C ASP B 653 26.00 -12.13 3.41
N PRO B 654 25.75 -10.80 3.40
CA PRO B 654 25.77 -10.00 4.63
C PRO B 654 24.70 -10.50 5.63
N TYR B 655 23.60 -11.03 5.11
CA TYR B 655 22.48 -11.47 5.93
C TYR B 655 22.94 -12.68 6.78
N LEU B 656 23.58 -13.66 6.14
CA LEU B 656 23.96 -14.91 6.80
C LEU B 656 24.94 -14.56 7.91
N ASP B 657 26.01 -13.86 7.50
CA ASP B 657 27.07 -13.44 8.41
C ASP B 657 26.41 -12.91 9.67
N GLU B 658 25.56 -11.88 9.50
CA GLU B 658 24.91 -11.15 10.59
C GLU B 658 24.00 -12.07 11.40
N THR B 659 23.32 -13.01 10.72
CA THR B 659 22.41 -13.97 11.37
C THR B 659 23.19 -14.89 12.30
N VAL B 660 24.43 -15.28 11.88
CA VAL B 660 25.46 -16.03 12.72
C VAL B 660 25.64 -15.30 14.06
N ASN B 661 25.89 -13.98 13.98
CA ASN B 661 26.07 -13.10 15.14
C ASN B 661 24.84 -13.17 16.05
N ILE B 662 23.64 -13.05 15.46
CA ILE B 662 22.40 -12.96 16.23
C ILE B 662 22.19 -14.28 16.97
N ALA B 663 22.44 -15.37 16.24
CA ALA B 663 22.39 -16.75 16.74
C ALA B 663 23.28 -16.88 17.97
N LEU B 664 24.47 -16.27 17.95
CA LEU B 664 25.42 -16.38 19.09
C LEU B 664 24.90 -15.60 20.34
N ASP B 665 24.26 -14.44 20.14
CA ASP B 665 23.69 -13.66 21.24
C ASP B 665 22.67 -14.52 21.99
N LEU B 666 21.84 -15.19 21.18
CA LEU B 666 20.76 -16.02 21.63
C LEU B 666 21.34 -17.19 22.42
N ALA B 667 22.43 -17.76 21.93
CA ALA B 667 23.03 -18.87 22.60
C ALA B 667 23.51 -18.48 24.01
N LYS B 668 24.16 -17.30 24.08
CA LYS B 668 24.56 -16.64 25.30
C LYS B 668 23.37 -16.44 26.26
N LEU B 669 22.27 -15.84 25.77
CA LEU B 669 21.12 -15.42 26.58
C LEU B 669 20.37 -16.64 27.16
N GLU B 670 20.80 -17.86 26.81
CA GLU B 670 20.24 -19.05 27.40
C GLU B 670 21.34 -19.90 28.00
#